data_7F40
#
_entry.id   7F40
#
_cell.length_a   1.00
_cell.length_b   1.00
_cell.length_c   1.00
_cell.angle_alpha   90.00
_cell.angle_beta   90.00
_cell.angle_gamma   90.00
#
_symmetry.space_group_name_H-M   'P 1'
#
loop_
_entity.id
_entity.type
_entity.pdbx_description
1 polymer LPCAT3
2 non-polymer 'S-[2-[3-[[(2R)-4-[[[(2R,3S,4R,5R)-5-(6-aminopurin-9-yl)-4-oxidanyl-3-phosphonooxy-oxolan-2-yl]methoxy-oxidanyl-phosphoryl]oxy-oxidanyl-phosphoryl]oxy-3,3-dimethyl-2-oxidanyl-butanoyl]amino]propanoylamino]ethyl] (5Z,8Z,11Z,14Z)-icosa-5,8,11,14-tetraenethioate'
3 non-polymer 1,2-DIOLEOYL-SN-GLYCERO-3-PHOSPHOCHOLINE
#
_entity_poly.entity_id   1
_entity_poly.type   'polypeptide(L)'
_entity_poly.pdbx_seq_one_letter_code
;MGAERDESGAGAAVLVPLLGFGSNRPAGPAEKMAVAGSGWSLARVAEALGSSEQALRLIVSILMGYPFALFQRYFLFQKE
TYLIHLYNVFTGLSIAYFNFGMQFFHSLLCVLIQFLILRLMGRTVTAVFTTFVFQMTYLMAGYYFTATEHYDIKWTMPHC
VLTLKLIGLAIDYYDGGKDPELLTPEQRRFAVRGVPTLLEVSGFSYFYGAFMVGPQFSMTDYQKLAKGEMTDVPGQRPNS
FVPALKRLSLGLLFLVTYTLSSPYISEEYLISDDYMEKPFWFRCGYILVWGKIILYKYVTCWLVTEGVCILVGLGYNGND
QNGKPVWDACANMKVWLYETTPLFTGTIASFNINTNAWVARYVFKRLKFLGNKLLSQALALFFLAIWHGLHSGYLVCFQM
ELLIVIVERQVINLVRDSPTLSTLASITALQPIFYVLQQTNHWMFMGYSLVPFCLFTWDKWMKVYKSIYFLGHVLFFTLL
LVLPYIRKLLVPRKEKLKKAE
;
_entity_poly.pdbx_strand_id   A,B
#
# COMPACT_ATOMS: atom_id res chain seq x y z
N LEU A 42 -6.62 -48.00 4.06
CA LEU A 42 -6.80 -46.65 3.54
C LEU A 42 -5.68 -45.72 4.02
N ALA A 43 -5.78 -45.30 5.28
CA ALA A 43 -4.76 -44.44 5.86
C ALA A 43 -3.47 -45.18 6.19
N ARG A 44 -3.52 -46.51 6.27
CA ARG A 44 -2.31 -47.28 6.57
C ARG A 44 -1.26 -47.10 5.47
N VAL A 45 -1.69 -47.11 4.21
CA VAL A 45 -0.78 -46.92 3.10
C VAL A 45 -0.71 -45.48 2.61
N ALA A 46 -1.61 -44.61 3.07
CA ALA A 46 -1.58 -43.21 2.66
C ALA A 46 -0.31 -42.52 3.15
N GLU A 47 0.07 -42.75 4.41
CA GLU A 47 1.26 -42.16 4.99
C GLU A 47 2.40 -43.16 5.14
N ALA A 48 2.30 -44.32 4.47
CA ALA A 48 3.31 -45.36 4.64
C ALA A 48 4.68 -44.91 4.15
N LEU A 49 4.73 -44.29 2.97
CA LEU A 49 6.01 -43.91 2.36
C LEU A 49 6.42 -42.48 2.72
N GLY A 50 6.36 -42.17 4.02
CA GLY A 50 6.85 -40.90 4.51
C GLY A 50 6.21 -39.68 3.88
N SER A 51 4.93 -39.76 3.51
CA SER A 51 4.24 -38.69 2.83
C SER A 51 3.01 -38.28 3.63
N SER A 52 2.76 -36.97 3.68
CA SER A 52 1.61 -36.46 4.41
C SER A 52 0.32 -36.70 3.64
N GLU A 53 -0.81 -36.49 4.32
CA GLU A 53 -2.10 -36.68 3.70
C GLU A 53 -2.40 -35.64 2.61
N GLN A 54 -1.69 -34.51 2.61
CA GLN A 54 -1.99 -33.43 1.69
C GLN A 54 -1.15 -33.49 0.42
N ALA A 55 0.14 -33.84 0.53
CA ALA A 55 0.98 -33.93 -0.65
C ALA A 55 0.52 -35.05 -1.58
N LEU A 56 0.13 -36.19 -1.02
CA LEU A 56 -0.38 -37.27 -1.85
C LEU A 56 -1.70 -36.87 -2.52
N ARG A 57 -2.55 -36.15 -1.79
CA ARG A 57 -3.79 -35.66 -2.38
C ARG A 57 -3.51 -34.73 -3.54
N LEU A 58 -2.55 -33.81 -3.37
CA LEU A 58 -2.21 -32.90 -4.46
C LEU A 58 -1.65 -33.65 -5.66
N ILE A 59 -0.78 -34.62 -5.43
CA ILE A 59 -0.15 -35.31 -6.55
C ILE A 59 -1.17 -36.16 -7.29
N VAL A 60 -2.09 -36.81 -6.58
CA VAL A 60 -3.12 -37.60 -7.25
C VAL A 60 -4.09 -36.70 -7.99
N SER A 61 -4.41 -35.52 -7.42
CA SER A 61 -5.27 -34.58 -8.11
C SER A 61 -4.62 -34.08 -9.40
N ILE A 62 -3.32 -33.78 -9.35
CA ILE A 62 -2.61 -33.34 -10.55
C ILE A 62 -2.60 -34.45 -11.59
N LEU A 63 -2.31 -35.68 -11.18
CA LEU A 63 -2.22 -36.78 -12.13
C LEU A 63 -3.57 -37.13 -12.71
N MET A 64 -4.66 -36.88 -11.99
CA MET A 64 -5.99 -37.25 -12.46
C MET A 64 -6.47 -36.40 -13.64
N GLY A 65 -5.67 -35.46 -14.14
CA GLY A 65 -6.08 -34.66 -15.27
C GLY A 65 -6.07 -35.41 -16.59
N TYR A 66 -5.22 -36.44 -16.71
CA TYR A 66 -5.12 -37.16 -17.97
C TYR A 66 -6.40 -37.88 -18.38
N PRO A 67 -7.08 -38.64 -17.51
CA PRO A 67 -8.32 -39.29 -17.95
C PRO A 67 -9.39 -38.32 -18.41
N PHE A 68 -9.50 -37.15 -17.76
CA PHE A 68 -10.47 -36.15 -18.20
C PHE A 68 -10.12 -35.63 -19.58
N ALA A 69 -8.84 -35.37 -19.84
CA ALA A 69 -8.42 -34.92 -21.16
C ALA A 69 -8.71 -35.98 -22.22
N LEU A 70 -8.45 -37.25 -21.90
CA LEU A 70 -8.75 -38.32 -22.84
C LEU A 70 -10.25 -38.41 -23.11
N PHE A 71 -11.07 -38.27 -22.08
CA PHE A 71 -12.52 -38.29 -22.25
C PHE A 71 -12.97 -37.13 -23.15
N GLN A 72 -12.42 -35.94 -22.94
CA GLN A 72 -12.80 -34.80 -23.76
C GLN A 72 -12.36 -34.99 -25.20
N ARG A 73 -11.14 -35.49 -25.42
CA ARG A 73 -10.64 -35.67 -26.78
C ARG A 73 -11.41 -36.75 -27.53
N TYR A 74 -11.79 -37.82 -26.83
CA TYR A 74 -12.52 -38.90 -27.49
C TYR A 74 -13.91 -38.48 -27.92
N PHE A 75 -14.53 -37.53 -27.20
CA PHE A 75 -15.85 -37.03 -27.52
C PHE A 75 -15.73 -35.54 -27.87
N LEU A 76 -15.45 -35.26 -29.15
CA LEU A 76 -15.29 -33.90 -29.63
C LEU A 76 -16.35 -33.49 -30.62
N PHE A 77 -17.28 -34.38 -30.96
CA PHE A 77 -18.32 -34.07 -31.94
C PHE A 77 -19.37 -33.11 -31.41
N GLN A 78 -19.20 -32.58 -30.20
CA GLN A 78 -20.13 -31.60 -29.68
C GLN A 78 -19.96 -30.26 -30.38
N LYS A 79 -21.07 -29.70 -30.86
CA LYS A 79 -21.04 -28.43 -31.58
C LYS A 79 -21.57 -27.27 -30.76
N GLU A 80 -21.80 -27.49 -29.47
CA GLU A 80 -22.31 -26.45 -28.57
C GLU A 80 -21.28 -26.18 -27.48
N THR A 81 -20.99 -24.90 -27.25
CA THR A 81 -19.92 -24.53 -26.32
C THR A 81 -20.34 -24.69 -24.87
N TYR A 82 -21.64 -24.59 -24.57
CA TYR A 82 -22.06 -24.64 -23.18
C TYR A 82 -21.77 -26.00 -22.56
N LEU A 83 -21.78 -27.07 -23.35
CA LEU A 83 -21.45 -28.38 -22.81
C LEU A 83 -20.00 -28.43 -22.35
N ILE A 84 -19.09 -27.90 -23.17
CA ILE A 84 -17.67 -27.87 -22.77
C ILE A 84 -17.48 -26.98 -21.55
N HIS A 85 -18.15 -25.83 -21.52
CA HIS A 85 -18.01 -24.92 -20.38
C HIS A 85 -18.49 -25.59 -19.09
N LEU A 86 -19.65 -26.24 -19.16
CA LEU A 86 -20.18 -26.92 -17.97
C LEU A 86 -19.28 -28.08 -17.56
N TYR A 87 -18.74 -28.81 -18.53
CA TYR A 87 -17.82 -29.90 -18.21
C TYR A 87 -16.59 -29.38 -17.48
N ASN A 88 -16.01 -28.27 -17.97
CA ASN A 88 -14.85 -27.70 -17.31
C ASN A 88 -15.18 -27.23 -15.91
N VAL A 89 -16.32 -26.56 -15.73
CA VAL A 89 -16.69 -26.08 -14.40
C VAL A 89 -16.91 -27.24 -13.44
N PHE A 90 -17.61 -28.29 -13.89
CA PHE A 90 -17.85 -29.44 -13.04
C PHE A 90 -16.53 -30.12 -12.64
N THR A 91 -15.62 -30.30 -13.60
CA THR A 91 -14.36 -30.96 -13.28
C THR A 91 -13.53 -30.13 -12.32
N GLY A 92 -13.46 -28.82 -12.54
CA GLY A 92 -12.71 -27.96 -11.63
C GLY A 92 -13.28 -27.96 -10.23
N LEU A 93 -14.61 -27.87 -10.11
CA LEU A 93 -15.22 -27.88 -8.80
C LEU A 93 -15.05 -29.23 -8.11
N SER A 94 -15.11 -30.33 -8.86
CA SER A 94 -14.88 -31.64 -8.27
C SER A 94 -13.45 -31.77 -7.75
N ILE A 95 -12.47 -31.27 -8.51
CA ILE A 95 -11.09 -31.31 -8.05
C ILE A 95 -10.92 -30.47 -6.79
N ALA A 96 -11.51 -29.27 -6.78
CA ALA A 96 -11.42 -28.42 -5.60
C ALA A 96 -12.06 -29.07 -4.38
N TYR A 97 -13.21 -29.71 -4.58
CA TYR A 97 -13.87 -30.41 -3.48
C TYR A 97 -13.01 -31.55 -2.96
N PHE A 98 -12.40 -32.31 -3.86
CA PHE A 98 -11.55 -33.43 -3.45
C PHE A 98 -10.34 -32.95 -2.66
N ASN A 99 -9.73 -31.86 -3.09
CA ASN A 99 -8.55 -31.35 -2.39
C ASN A 99 -8.90 -30.86 -0.99
N PHE A 100 -9.97 -30.08 -0.87
CA PHE A 100 -10.44 -29.58 0.42
C PHE A 100 -11.88 -29.12 0.25
N GLY A 101 -12.76 -29.61 1.11
CA GLY A 101 -14.18 -29.53 0.86
C GLY A 101 -14.99 -28.45 1.56
N MET A 102 -14.31 -27.41 2.06
CA MET A 102 -15.02 -26.36 2.76
C MET A 102 -14.57 -24.95 2.38
N GLN A 103 -13.66 -24.79 1.41
CA GLN A 103 -13.11 -23.49 1.10
C GLN A 103 -13.23 -23.07 -0.36
N PHE A 104 -13.82 -23.91 -1.22
CA PHE A 104 -13.92 -23.54 -2.63
C PHE A 104 -14.93 -22.42 -2.86
N PHE A 105 -15.89 -22.28 -1.94
CA PHE A 105 -16.86 -21.19 -2.08
C PHE A 105 -16.19 -19.82 -2.02
N HIS A 106 -15.01 -19.73 -1.39
CA HIS A 106 -14.25 -18.48 -1.41
C HIS A 106 -13.91 -18.08 -2.84
N SER A 107 -13.30 -18.98 -3.59
CA SER A 107 -12.96 -18.67 -4.99
C SER A 107 -14.21 -18.51 -5.84
N LEU A 108 -15.26 -19.29 -5.55
CA LEU A 108 -16.50 -19.15 -6.29
C LEU A 108 -17.07 -17.74 -6.16
N LEU A 109 -17.19 -17.25 -4.92
CA LEU A 109 -17.70 -15.90 -4.73
C LEU A 109 -16.73 -14.85 -5.26
N CYS A 110 -15.43 -15.13 -5.22
CA CYS A 110 -14.46 -14.19 -5.76
C CYS A 110 -14.68 -13.99 -7.26
N VAL A 111 -14.76 -15.08 -8.03
CA VAL A 111 -14.96 -14.93 -9.46
C VAL A 111 -16.34 -14.36 -9.76
N LEU A 112 -17.35 -14.74 -8.95
CA LEU A 112 -18.69 -14.18 -9.12
C LEU A 112 -18.68 -12.67 -9.01
N ILE A 113 -18.12 -12.16 -7.90
CA ILE A 113 -18.03 -10.73 -7.70
C ILE A 113 -17.22 -10.08 -8.81
N GLN A 114 -16.17 -10.77 -9.28
CA GLN A 114 -15.31 -10.18 -10.30
C GLN A 114 -16.10 -9.93 -11.58
N PHE A 115 -16.79 -10.94 -12.11
CA PHE A 115 -17.45 -10.61 -13.37
C PHE A 115 -18.72 -9.81 -13.15
N LEU A 116 -19.29 -9.82 -11.94
CA LEU A 116 -20.39 -8.92 -11.64
C LEU A 116 -19.94 -7.47 -11.71
N ILE A 117 -18.77 -7.15 -11.16
CA ILE A 117 -18.28 -5.78 -11.22
C ILE A 117 -17.67 -5.46 -12.58
N LEU A 118 -17.24 -6.47 -13.33
CA LEU A 118 -16.76 -6.22 -14.69
C LEU A 118 -17.90 -5.99 -15.67
N ARG A 119 -19.09 -6.53 -15.39
CA ARG A 119 -20.23 -6.27 -16.25
C ARG A 119 -20.56 -4.79 -16.29
N LEU A 120 -20.53 -4.12 -15.15
CA LEU A 120 -20.74 -2.68 -15.07
C LEU A 120 -19.43 -1.95 -15.26
N MET A 121 -19.52 -0.72 -15.78
CA MET A 121 -18.38 0.16 -16.04
C MET A 121 -17.20 -0.61 -16.66
N GLY A 122 -17.49 -1.22 -17.81
CA GLY A 122 -16.53 -2.15 -18.40
C GLY A 122 -15.22 -1.50 -18.78
N ARG A 123 -15.28 -0.36 -19.46
CA ARG A 123 -14.08 0.28 -19.99
C ARG A 123 -13.55 1.40 -19.10
N THR A 124 -14.16 1.63 -17.94
CA THR A 124 -13.75 2.74 -17.09
C THR A 124 -12.41 2.43 -16.43
N VAL A 125 -11.57 3.47 -16.30
CA VAL A 125 -10.28 3.31 -15.65
C VAL A 125 -10.46 2.99 -14.17
N THR A 126 -11.59 3.38 -13.58
CA THR A 126 -11.85 3.05 -12.19
C THR A 126 -12.03 1.56 -11.98
N ALA A 127 -12.57 0.86 -12.99
CA ALA A 127 -12.86 -0.57 -12.84
C ALA A 127 -11.60 -1.38 -12.63
N VAL A 128 -10.54 -1.10 -13.40
CA VAL A 128 -9.32 -1.88 -13.28
C VAL A 128 -8.66 -1.66 -11.92
N PHE A 129 -8.64 -0.41 -11.44
CA PHE A 129 -8.06 -0.16 -10.12
C PHE A 129 -8.91 -0.80 -9.03
N THR A 130 -10.23 -0.76 -9.16
CA THR A 130 -11.09 -1.36 -8.16
C THR A 130 -10.88 -2.87 -8.09
N THR A 131 -10.85 -3.54 -9.24
CA THR A 131 -10.63 -4.99 -9.23
C THR A 131 -9.23 -5.35 -8.75
N PHE A 132 -8.23 -4.54 -9.10
CA PHE A 132 -6.87 -4.78 -8.61
C PHE A 132 -6.83 -4.72 -7.09
N VAL A 133 -7.38 -3.65 -6.51
CA VAL A 133 -7.37 -3.48 -5.06
C VAL A 133 -8.16 -4.60 -4.39
N PHE A 134 -9.33 -4.95 -4.94
CA PHE A 134 -10.17 -5.96 -4.32
C PHE A 134 -9.45 -7.32 -4.32
N GLN A 135 -8.91 -7.73 -5.45
CA GLN A 135 -8.22 -9.02 -5.51
C GLN A 135 -6.99 -9.03 -4.61
N MET A 136 -6.19 -7.97 -4.63
CA MET A 136 -4.99 -7.94 -3.83
C MET A 136 -5.32 -7.99 -2.34
N THR A 137 -6.33 -7.23 -1.90
CA THR A 137 -6.67 -7.24 -0.48
C THR A 137 -7.31 -8.56 -0.07
N TYR A 138 -8.05 -9.22 -0.98
CA TYR A 138 -8.58 -10.53 -0.66
C TYR A 138 -7.46 -11.54 -0.43
N LEU A 139 -6.47 -11.55 -1.33
CA LEU A 139 -5.35 -12.46 -1.16
C LEU A 139 -4.54 -12.14 0.09
N MET A 140 -4.32 -10.85 0.36
CA MET A 140 -3.57 -10.47 1.55
C MET A 140 -4.29 -10.85 2.84
N ALA A 141 -5.62 -10.67 2.87
CA ALA A 141 -6.38 -11.11 4.03
C ALA A 141 -6.31 -12.62 4.18
N GLY A 142 -6.35 -13.35 3.06
CA GLY A 142 -6.20 -14.80 3.14
C GLY A 142 -4.89 -15.21 3.76
N TYR A 143 -3.79 -14.61 3.31
CA TYR A 143 -2.49 -14.93 3.91
C TYR A 143 -2.43 -14.51 5.37
N TYR A 144 -2.96 -13.33 5.71
CA TYR A 144 -2.87 -12.84 7.08
C TYR A 144 -3.65 -13.72 8.04
N PHE A 145 -4.82 -14.20 7.63
CA PHE A 145 -5.63 -15.06 8.48
C PHE A 145 -5.21 -16.53 8.39
N THR A 146 -4.38 -16.90 7.42
CA THR A 146 -3.93 -18.27 7.30
C THR A 146 -2.80 -18.58 8.28
N ALA A 147 -1.70 -17.85 8.19
CA ALA A 147 -0.53 -18.00 9.07
C ALA A 147 0.04 -19.42 8.99
N THR A 148 0.44 -19.80 7.78
CA THR A 148 1.10 -21.08 7.58
C THR A 148 2.50 -21.08 8.19
N GLU A 149 3.04 -22.28 8.42
CA GLU A 149 4.34 -22.41 9.04
C GLU A 149 5.39 -23.01 8.11
N HIS A 150 5.20 -24.23 7.62
CA HIS A 150 6.23 -24.80 6.77
C HIS A 150 5.90 -24.67 5.29
N TYR A 151 4.93 -25.45 4.81
CA TYR A 151 4.34 -25.22 3.50
C TYR A 151 2.82 -25.19 3.60
N ASP A 152 2.26 -26.23 4.22
CA ASP A 152 0.83 -26.36 4.48
C ASP A 152 -0.01 -26.10 3.23
N ILE A 153 0.13 -27.03 2.27
CA ILE A 153 -0.65 -27.00 1.04
C ILE A 153 -2.11 -26.78 1.36
N LYS A 154 -2.71 -25.75 0.78
CA LYS A 154 -4.10 -25.42 1.06
C LYS A 154 -4.66 -24.56 -0.08
N TRP A 155 -5.78 -23.90 0.21
CA TRP A 155 -6.49 -23.03 -0.74
C TRP A 155 -5.63 -21.90 -1.30
N THR A 156 -4.56 -21.50 -0.61
CA THR A 156 -3.86 -20.28 -0.98
C THR A 156 -3.28 -20.36 -2.38
N MET A 157 -2.67 -21.49 -2.76
CA MET A 157 -2.08 -21.59 -4.09
C MET A 157 -3.13 -21.50 -5.20
N PRO A 158 -4.21 -22.29 -5.19
CA PRO A 158 -5.22 -22.12 -6.25
C PRO A 158 -5.81 -20.72 -6.28
N HIS A 159 -6.05 -20.12 -5.11
CA HIS A 159 -6.61 -18.77 -5.13
C HIS A 159 -5.61 -17.77 -5.69
N CYS A 160 -4.33 -17.95 -5.42
CA CYS A 160 -3.31 -17.05 -5.93
C CYS A 160 -3.23 -17.12 -7.45
N VAL A 161 -3.19 -18.34 -8.00
CA VAL A 161 -3.14 -18.49 -9.44
C VAL A 161 -4.40 -17.89 -10.07
N LEU A 162 -5.57 -18.18 -9.48
CA LEU A 162 -6.82 -17.67 -10.01
C LEU A 162 -6.84 -16.14 -10.02
N THR A 163 -6.41 -15.52 -8.92
CA THR A 163 -6.50 -14.06 -8.84
C THR A 163 -5.51 -13.39 -9.78
N LEU A 164 -4.32 -13.96 -9.98
CA LEU A 164 -3.41 -13.33 -10.92
C LEU A 164 -3.93 -13.46 -12.35
N LYS A 165 -4.44 -14.64 -12.71
CA LYS A 165 -5.05 -14.81 -14.03
C LYS A 165 -6.21 -13.84 -14.23
N LEU A 166 -6.99 -13.63 -13.18
CA LEU A 166 -8.19 -12.81 -13.29
C LEU A 166 -7.86 -11.33 -13.40
N ILE A 167 -6.84 -10.87 -12.66
CA ILE A 167 -6.36 -9.50 -12.83
C ILE A 167 -5.83 -9.31 -14.25
N GLY A 168 -5.14 -10.32 -14.79
CA GLY A 168 -4.73 -10.25 -16.18
C GLY A 168 -5.91 -10.10 -17.12
N LEU A 169 -6.99 -10.85 -16.87
CA LEU A 169 -8.18 -10.72 -17.70
C LEU A 169 -8.75 -9.32 -17.63
N ALA A 170 -8.80 -8.72 -16.43
CA ALA A 170 -9.34 -7.38 -16.29
C ALA A 170 -8.49 -6.35 -17.05
N ILE A 171 -7.17 -6.47 -16.94
CA ILE A 171 -6.27 -5.57 -17.70
C ILE A 171 -6.53 -5.72 -19.20
N ASP A 172 -6.63 -6.96 -19.67
CA ASP A 172 -6.87 -7.21 -21.08
C ASP A 172 -8.18 -6.60 -21.54
N TYR A 173 -9.24 -6.77 -20.74
CA TYR A 173 -10.54 -6.22 -21.12
C TYR A 173 -10.51 -4.70 -21.17
N TYR A 174 -9.87 -4.07 -20.19
CA TYR A 174 -9.76 -2.61 -20.24
C TYR A 174 -9.00 -2.14 -21.47
N ASP A 175 -7.90 -2.83 -21.80
CA ASP A 175 -7.08 -2.41 -22.93
C ASP A 175 -7.83 -2.62 -24.24
N GLY A 176 -8.65 -3.67 -24.33
CA GLY A 176 -9.34 -3.99 -25.57
C GLY A 176 -10.36 -2.95 -26.01
N GLY A 177 -10.76 -2.05 -25.11
CA GLY A 177 -11.70 -1.00 -25.44
C GLY A 177 -11.09 0.25 -26.02
N LYS A 178 -9.79 0.27 -26.27
CA LYS A 178 -9.12 1.44 -26.82
C LYS A 178 -9.31 1.49 -28.33
N ASP A 179 -8.62 2.42 -28.99
CA ASP A 179 -8.75 2.56 -30.43
C ASP A 179 -8.09 1.38 -31.16
N PRO A 180 -8.60 1.03 -32.34
CA PRO A 180 -8.11 -0.15 -33.06
C PRO A 180 -6.78 0.05 -33.78
N GLU A 181 -6.01 1.10 -33.50
CA GLU A 181 -4.77 1.34 -34.22
C GLU A 181 -3.71 0.30 -33.82
N LEU A 182 -2.50 0.50 -34.33
CA LEU A 182 -1.41 -0.46 -34.17
C LEU A 182 -1.19 -0.80 -32.70
N LEU A 183 -0.76 0.18 -31.91
CA LEU A 183 -0.66 0.05 -30.46
C LEU A 183 0.14 -1.20 -30.06
N THR A 184 1.44 -1.18 -30.41
CA THR A 184 2.33 -2.30 -30.14
C THR A 184 1.71 -3.58 -30.72
N PRO A 185 1.78 -3.76 -32.04
CA PRO A 185 0.87 -4.70 -32.74
C PRO A 185 0.80 -6.11 -32.17
N GLU A 186 1.65 -6.46 -31.22
CA GLU A 186 1.50 -7.76 -30.57
C GLU A 186 0.29 -7.81 -29.62
N GLN A 187 -0.57 -6.81 -29.58
CA GLN A 187 -1.68 -6.77 -28.63
C GLN A 187 -3.01 -7.18 -29.24
N ARG A 188 -3.27 -6.87 -30.53
CA ARG A 188 -4.55 -7.21 -31.12
C ARG A 188 -4.78 -8.71 -31.12
N ARG A 189 -3.73 -9.49 -31.43
CA ARG A 189 -3.83 -10.94 -31.34
C ARG A 189 -3.99 -11.41 -29.90
N PHE A 190 -3.65 -10.56 -28.93
CA PHE A 190 -3.60 -10.95 -27.53
C PHE A 190 -4.66 -10.29 -26.66
N ALA A 191 -5.44 -9.37 -27.19
CA ALA A 191 -6.43 -8.63 -26.41
C ALA A 191 -7.85 -8.99 -26.84
N VAL A 192 -8.76 -9.03 -25.87
CA VAL A 192 -10.16 -9.31 -26.16
C VAL A 192 -10.80 -8.12 -26.87
N ARG A 193 -11.83 -8.41 -27.67
CA ARG A 193 -12.51 -7.41 -28.47
C ARG A 193 -13.86 -7.00 -27.88
N GLY A 194 -14.00 -7.08 -26.56
CA GLY A 194 -15.23 -6.64 -25.93
C GLY A 194 -16.42 -7.54 -26.12
N VAL A 195 -16.20 -8.82 -26.41
CA VAL A 195 -17.29 -9.78 -26.61
C VAL A 195 -17.98 -10.03 -25.28
N PRO A 196 -19.25 -10.46 -25.27
CA PRO A 196 -19.90 -10.78 -24.00
C PRO A 196 -19.19 -11.93 -23.28
N THR A 197 -19.20 -11.85 -21.95
CA THR A 197 -18.50 -12.79 -21.09
C THR A 197 -19.41 -13.25 -19.96
N LEU A 198 -20.64 -13.64 -20.30
CA LEU A 198 -21.61 -14.01 -19.27
C LEU A 198 -21.25 -15.33 -18.60
N LEU A 199 -20.76 -16.31 -19.37
CA LEU A 199 -20.46 -17.63 -18.83
C LEU A 199 -19.04 -18.10 -19.10
N GLU A 200 -18.37 -17.59 -20.13
CA GLU A 200 -17.02 -18.06 -20.45
C GLU A 200 -16.03 -17.79 -19.32
N VAL A 201 -16.32 -16.80 -18.48
CA VAL A 201 -15.41 -16.48 -17.38
C VAL A 201 -15.37 -17.62 -16.36
N SER A 202 -16.50 -18.27 -16.12
CA SER A 202 -16.54 -19.36 -15.15
C SER A 202 -15.71 -20.55 -15.64
N GLY A 203 -15.93 -20.99 -16.88
CA GLY A 203 -15.15 -22.10 -17.41
C GLY A 203 -13.69 -21.75 -17.57
N PHE A 204 -13.40 -20.50 -17.93
CA PHE A 204 -12.02 -20.05 -18.06
C PHE A 204 -11.29 -20.07 -16.72
N SER A 205 -11.97 -19.66 -15.65
CA SER A 205 -11.32 -19.59 -14.35
C SER A 205 -11.04 -20.99 -13.78
N TYR A 206 -11.97 -21.92 -13.96
CA TYR A 206 -11.92 -23.23 -13.31
C TYR A 206 -11.46 -24.33 -14.26
N PHE A 207 -10.51 -24.04 -15.14
CA PHE A 207 -9.97 -25.08 -16.02
C PHE A 207 -9.31 -26.17 -15.19
N TYR A 208 -9.58 -27.43 -15.55
CA TYR A 208 -9.07 -28.54 -14.75
C TYR A 208 -7.58 -28.75 -14.95
N GLY A 209 -7.04 -28.35 -16.10
CA GLY A 209 -5.63 -28.51 -16.36
C GLY A 209 -4.77 -27.58 -15.53
N ALA A 210 -4.89 -26.28 -15.78
CA ALA A 210 -4.08 -25.28 -15.09
C ALA A 210 -4.92 -24.66 -13.95
N PHE A 211 -5.04 -25.42 -12.87
CA PHE A 211 -5.76 -24.94 -11.70
C PHE A 211 -4.86 -24.77 -10.49
N MET A 212 -4.01 -25.76 -10.18
CA MET A 212 -3.20 -25.69 -8.99
C MET A 212 -1.95 -24.86 -9.20
N VAL A 213 -1.05 -25.31 -10.08
CA VAL A 213 0.20 -24.62 -10.35
C VAL A 213 0.41 -24.48 -11.85
N GLY A 214 -0.65 -24.69 -12.63
CA GLY A 214 -0.52 -24.78 -14.05
C GLY A 214 -0.21 -23.44 -14.69
N PRO A 215 -0.11 -23.44 -16.02
CA PRO A 215 0.17 -22.20 -16.76
C PRO A 215 -0.93 -21.17 -16.61
N GLN A 216 -0.73 -19.98 -17.17
CA GLN A 216 -1.64 -18.86 -16.99
C GLN A 216 -1.99 -18.23 -18.33
N PHE A 217 -2.41 -19.07 -19.26
CA PHE A 217 -2.78 -18.66 -20.62
C PHE A 217 -3.78 -17.51 -20.64
N SER A 218 -3.87 -16.81 -21.77
CA SER A 218 -4.71 -15.63 -21.89
C SER A 218 -6.17 -16.06 -22.11
N MET A 219 -7.01 -15.11 -22.51
CA MET A 219 -8.44 -15.36 -22.69
C MET A 219 -8.78 -15.73 -24.14
N THR A 220 -8.15 -15.07 -25.12
CA THR A 220 -8.53 -15.27 -26.52
C THR A 220 -8.27 -16.70 -26.97
N ASP A 221 -7.14 -17.28 -26.56
CA ASP A 221 -6.84 -18.66 -26.95
C ASP A 221 -7.85 -19.63 -26.33
N TYR A 222 -8.30 -19.35 -25.11
CA TYR A 222 -9.33 -20.18 -24.50
C TYR A 222 -10.63 -20.11 -25.30
N GLN A 223 -11.00 -18.93 -25.77
CA GLN A 223 -12.20 -18.81 -26.59
C GLN A 223 -12.04 -19.55 -27.91
N LYS A 224 -10.85 -19.48 -28.51
CA LYS A 224 -10.59 -20.23 -29.73
C LYS A 224 -10.72 -21.73 -29.48
N LEU A 225 -10.21 -22.20 -28.34
CA LEU A 225 -10.34 -23.61 -27.98
C LEU A 225 -11.80 -24.00 -27.73
N ALA A 226 -12.59 -23.08 -27.20
CA ALA A 226 -13.94 -23.43 -26.73
C ALA A 226 -14.80 -23.95 -27.87
N LYS A 227 -14.80 -23.27 -29.01
CA LYS A 227 -15.68 -23.63 -30.12
C LYS A 227 -14.94 -24.39 -31.22
N GLY A 228 -13.77 -24.93 -30.93
CA GLY A 228 -13.12 -25.90 -31.79
C GLY A 228 -12.54 -25.37 -33.08
N GLU A 229 -11.65 -24.38 -33.00
CA GLU A 229 -10.89 -23.94 -34.16
C GLU A 229 -9.42 -23.75 -33.84
N MET A 230 -8.97 -24.28 -32.69
CA MET A 230 -7.57 -24.15 -32.31
C MET A 230 -6.68 -24.85 -33.33
N THR A 231 -7.08 -26.03 -33.79
CA THR A 231 -6.33 -26.79 -34.79
C THR A 231 -7.33 -27.38 -35.77
N ASP A 232 -7.29 -26.94 -37.03
CA ASP A 232 -8.20 -27.49 -38.02
C ASP A 232 -7.84 -28.94 -38.35
N VAL A 233 -6.66 -29.16 -38.91
CA VAL A 233 -6.10 -30.52 -38.93
C VAL A 233 -4.58 -30.53 -38.74
N PRO A 234 -4.00 -29.74 -37.79
CA PRO A 234 -2.65 -30.10 -37.33
C PRO A 234 -2.68 -31.01 -36.13
N GLY A 235 -3.74 -30.92 -35.33
CA GLY A 235 -3.77 -31.58 -34.05
C GLY A 235 -5.10 -32.16 -33.59
N GLN A 236 -5.98 -32.50 -34.54
CA GLN A 236 -7.19 -33.22 -34.17
C GLN A 236 -6.82 -34.57 -33.56
N ARG A 237 -6.23 -35.45 -34.38
CA ARG A 237 -5.64 -36.68 -33.91
C ARG A 237 -4.24 -36.45 -33.36
N PRO A 238 -3.37 -35.68 -34.02
CA PRO A 238 -2.04 -35.43 -33.45
C PRO A 238 -2.13 -34.61 -32.17
N ASN A 239 -1.18 -34.84 -31.28
CA ASN A 239 -0.20 -35.90 -31.46
C ASN A 239 -0.38 -36.96 -30.40
N SER A 240 -0.30 -36.56 -29.14
CA SER A 240 -0.46 -37.42 -27.97
C SER A 240 0.54 -38.58 -27.95
N PHE A 241 1.52 -38.58 -28.85
CA PHE A 241 2.52 -39.65 -28.90
C PHE A 241 3.91 -39.14 -28.55
N VAL A 242 4.44 -38.20 -29.31
CA VAL A 242 5.78 -37.68 -29.08
C VAL A 242 5.81 -36.68 -27.93
N PRO A 243 5.00 -35.59 -27.94
CA PRO A 243 5.19 -34.55 -26.92
C PRO A 243 4.74 -34.96 -25.52
N ALA A 244 3.49 -35.44 -25.41
CA ALA A 244 2.91 -35.68 -24.09
C ALA A 244 3.63 -36.80 -23.35
N LEU A 245 3.90 -37.92 -24.03
CA LEU A 245 4.58 -39.03 -23.38
C LEU A 245 5.99 -38.64 -22.98
N LYS A 246 6.70 -37.91 -23.83
CA LYS A 246 8.05 -37.46 -23.49
C LYS A 246 8.04 -36.55 -22.28
N ARG A 247 7.11 -35.60 -22.23
CA ARG A 247 7.04 -34.70 -21.08
C ARG A 247 6.71 -35.46 -19.81
N LEU A 248 5.76 -36.40 -19.89
CA LEU A 248 5.42 -37.20 -18.71
C LEU A 248 6.60 -38.03 -18.24
N SER A 249 7.34 -38.64 -19.17
CA SER A 249 8.49 -39.45 -18.78
C SER A 249 9.58 -38.60 -18.15
N LEU A 250 9.85 -37.42 -18.70
CA LEU A 250 10.88 -36.56 -18.12
C LEU A 250 10.46 -36.07 -16.74
N GLY A 251 9.18 -35.72 -16.56
CA GLY A 251 8.70 -35.35 -15.25
C GLY A 251 8.83 -36.48 -14.24
N LEU A 252 8.50 -37.70 -14.66
CA LEU A 252 8.67 -38.85 -13.77
C LEU A 252 10.13 -39.08 -13.42
N LEU A 253 11.03 -38.88 -14.39
CA LEU A 253 12.45 -39.03 -14.12
C LEU A 253 12.93 -38.04 -13.07
N PHE A 254 12.55 -36.76 -13.21
CA PHE A 254 12.93 -35.78 -12.21
C PHE A 254 12.29 -36.09 -10.87
N LEU A 255 11.05 -36.56 -10.87
CA LEU A 255 10.38 -36.91 -9.61
C LEU A 255 11.10 -38.04 -8.88
N VAL A 256 11.49 -39.09 -9.60
CA VAL A 256 12.16 -40.20 -8.94
C VAL A 256 13.55 -39.78 -8.47
N THR A 257 14.22 -38.93 -9.25
CA THR A 257 15.51 -38.41 -8.79
C THR A 257 15.37 -37.64 -7.49
N TYR A 258 14.38 -36.74 -7.43
CA TYR A 258 14.19 -35.94 -6.22
C TYR A 258 13.81 -36.81 -5.02
N THR A 259 12.90 -37.78 -5.21
CA THR A 259 12.49 -38.60 -4.08
C THR A 259 13.58 -39.58 -3.66
N LEU A 260 14.52 -39.91 -4.56
CA LEU A 260 15.66 -40.72 -4.15
C LEU A 260 16.68 -39.88 -3.39
N SER A 261 16.86 -38.63 -3.77
CA SER A 261 17.82 -37.75 -3.10
C SER A 261 17.21 -36.97 -1.94
N SER A 262 15.94 -37.21 -1.62
CA SER A 262 15.31 -36.44 -0.54
C SER A 262 15.79 -36.89 0.85
N PRO A 263 15.65 -38.16 1.24
CA PRO A 263 16.02 -38.52 2.63
C PRO A 263 17.50 -38.34 2.94
N TYR A 264 18.37 -38.45 1.93
CA TYR A 264 19.80 -38.33 2.18
C TYR A 264 20.16 -36.94 2.69
N ILE A 265 19.54 -35.90 2.13
CA ILE A 265 19.78 -34.54 2.54
C ILE A 265 18.67 -34.12 3.49
N SER A 266 18.86 -32.99 4.16
CA SER A 266 17.85 -32.47 5.07
C SER A 266 17.89 -30.95 5.04
N GLU A 267 16.77 -30.35 5.47
CA GLU A 267 16.65 -28.90 5.54
C GLU A 267 16.78 -28.38 6.96
N GLU A 268 16.23 -29.10 7.95
CA GLU A 268 16.35 -28.70 9.35
C GLU A 268 17.78 -28.77 9.87
N TYR A 269 18.68 -29.44 9.14
CA TYR A 269 20.08 -29.46 9.54
C TYR A 269 20.69 -28.07 9.57
N LEU A 270 20.12 -27.13 8.79
CA LEU A 270 20.60 -25.75 8.82
C LEU A 270 20.41 -25.14 10.19
N ILE A 271 19.26 -25.39 10.82
CA ILE A 271 19.00 -24.86 12.16
C ILE A 271 19.86 -25.59 13.20
N SER A 272 19.97 -26.91 13.07
CA SER A 272 20.69 -27.69 14.06
C SER A 272 22.18 -27.35 14.06
N ASP A 273 22.78 -27.39 15.25
CA ASP A 273 24.18 -27.03 15.42
C ASP A 273 25.09 -28.24 15.56
N ASP A 274 24.59 -29.45 15.33
CA ASP A 274 25.38 -30.66 15.50
C ASP A 274 26.40 -30.81 14.36
N TYR A 275 27.66 -30.47 14.68
CA TYR A 275 28.78 -30.58 13.75
C TYR A 275 28.53 -29.81 12.45
N MET A 276 27.93 -28.63 12.58
CA MET A 276 27.76 -27.71 11.46
C MET A 276 28.55 -26.43 11.61
N GLU A 277 28.53 -25.81 12.79
CA GLU A 277 29.20 -24.53 13.00
C GLU A 277 30.71 -24.67 13.20
N LYS A 278 31.23 -25.90 13.26
CA LYS A 278 32.66 -26.09 13.45
C LYS A 278 33.45 -25.79 12.17
N PRO A 279 33.12 -26.36 11.02
CA PRO A 279 33.85 -26.02 9.80
C PRO A 279 33.17 -24.89 9.03
N PHE A 280 33.97 -24.25 8.17
CA PHE A 280 33.49 -23.14 7.36
C PHE A 280 33.18 -23.56 5.93
N TRP A 281 34.15 -24.14 5.23
CA TRP A 281 33.93 -24.54 3.85
C TRP A 281 32.84 -25.59 3.72
N PHE A 282 32.61 -26.39 4.77
CA PHE A 282 31.53 -27.36 4.74
C PHE A 282 30.17 -26.68 4.63
N ARG A 283 30.00 -25.55 5.31
CA ARG A 283 28.73 -24.82 5.21
C ARG A 283 28.49 -24.33 3.78
N CYS A 284 29.52 -23.75 3.17
CA CYS A 284 29.37 -23.28 1.78
C CYS A 284 29.11 -24.44 0.83
N GLY A 285 29.81 -25.56 1.02
CA GLY A 285 29.56 -26.72 0.18
C GLY A 285 28.17 -27.29 0.35
N TYR A 286 27.67 -27.30 1.58
CA TYR A 286 26.31 -27.77 1.83
C TYR A 286 25.28 -26.87 1.17
N ILE A 287 25.47 -25.54 1.29
CA ILE A 287 24.54 -24.63 0.64
C ILE A 287 24.61 -24.76 -0.88
N LEU A 288 25.81 -25.03 -1.40
CA LEU A 288 25.97 -25.26 -2.83
C LEU A 288 25.21 -26.50 -3.27
N VAL A 289 25.37 -27.61 -2.54
CA VAL A 289 24.65 -28.82 -2.86
C VAL A 289 23.14 -28.61 -2.66
N TRP A 290 22.77 -27.94 -1.57
CA TRP A 290 21.40 -27.51 -1.39
C TRP A 290 21.08 -26.43 -2.42
N GLY A 291 19.82 -26.00 -2.43
CA GLY A 291 19.44 -25.03 -3.46
C GLY A 291 19.24 -25.64 -4.83
N LYS A 292 20.19 -26.47 -5.29
CA LYS A 292 20.01 -27.21 -6.52
C LYS A 292 19.11 -28.42 -6.36
N ILE A 293 18.75 -28.78 -5.13
CA ILE A 293 17.88 -29.92 -4.87
C ILE A 293 16.46 -29.47 -4.52
N ILE A 294 16.32 -28.35 -3.82
CA ILE A 294 14.99 -27.84 -3.49
C ILE A 294 14.25 -27.44 -4.75
N LEU A 295 14.95 -26.84 -5.72
CA LEU A 295 14.30 -26.37 -6.94
C LEU A 295 13.64 -27.52 -7.70
N TYR A 296 14.25 -28.70 -7.69
CA TYR A 296 13.64 -29.85 -8.35
C TYR A 296 12.23 -30.11 -7.84
N LYS A 297 11.98 -29.81 -6.56
CA LYS A 297 10.64 -29.99 -6.00
C LYS A 297 9.59 -29.29 -6.85
N TYR A 298 9.91 -28.07 -7.31
CA TYR A 298 9.01 -27.39 -8.23
C TYR A 298 9.00 -28.04 -9.60
N VAL A 299 10.20 -28.32 -10.13
CA VAL A 299 10.36 -28.60 -11.56
C VAL A 299 9.38 -29.68 -12.01
N THR A 300 9.53 -30.89 -11.44
CA THR A 300 8.67 -32.02 -11.78
C THR A 300 7.22 -31.58 -11.91
N CYS A 301 6.71 -30.94 -10.85
CA CYS A 301 5.31 -30.52 -10.83
C CYS A 301 4.93 -29.82 -12.13
N TRP A 302 5.60 -28.71 -12.42
CA TRP A 302 5.23 -27.92 -13.59
C TRP A 302 5.25 -28.78 -14.84
N LEU A 303 6.31 -29.58 -14.99
CA LEU A 303 6.45 -30.40 -16.19
C LEU A 303 5.24 -31.28 -16.39
N VAL A 304 4.81 -31.98 -15.33
CA VAL A 304 3.71 -32.92 -15.54
C VAL A 304 2.45 -32.15 -15.92
N THR A 305 2.24 -30.96 -15.34
CA THR A 305 1.08 -30.17 -15.71
C THR A 305 1.10 -29.85 -17.19
N GLU A 306 2.29 -29.53 -17.72
CA GLU A 306 2.41 -29.24 -19.15
C GLU A 306 1.80 -30.34 -19.98
N GLY A 307 2.01 -31.60 -19.58
CA GLY A 307 1.50 -32.71 -20.38
C GLY A 307 0.01 -32.58 -20.61
N VAL A 308 -0.74 -32.24 -19.56
CA VAL A 308 -2.19 -32.12 -19.69
C VAL A 308 -2.53 -31.15 -20.80
N CYS A 309 -1.89 -29.97 -20.80
CA CYS A 309 -2.19 -28.97 -21.82
C CYS A 309 -1.89 -29.52 -23.21
N ILE A 310 -0.76 -30.21 -23.35
CA ILE A 310 -0.39 -30.72 -24.67
C ILE A 310 -1.41 -31.73 -25.15
N LEU A 311 -2.09 -32.40 -24.23
CA LEU A 311 -3.13 -33.34 -24.66
C LEU A 311 -4.38 -32.62 -25.13
N VAL A 312 -4.71 -31.48 -24.54
CA VAL A 312 -5.91 -30.75 -24.93
C VAL A 312 -5.74 -30.14 -26.31
N GLY A 313 -4.55 -29.60 -26.59
CA GLY A 313 -4.30 -28.85 -27.80
C GLY A 313 -4.13 -27.37 -27.60
N LEU A 314 -4.11 -26.89 -26.36
CA LEU A 314 -3.98 -25.47 -26.09
C LEU A 314 -2.57 -24.95 -26.36
N GLY A 315 -1.58 -25.84 -26.45
CA GLY A 315 -0.21 -25.43 -26.64
C GLY A 315 0.19 -25.13 -28.06
N TYR A 316 -0.69 -25.35 -29.03
CA TYR A 316 -0.36 -25.07 -30.43
C TYR A 316 -0.22 -23.58 -30.67
N ASN A 317 0.79 -23.20 -31.45
CA ASN A 317 0.96 -21.80 -31.83
C ASN A 317 1.37 -21.63 -33.29
N GLY A 318 1.36 -22.70 -34.09
CA GLY A 318 1.77 -22.60 -35.47
C GLY A 318 2.83 -23.61 -35.85
N ASN A 319 3.59 -23.30 -36.90
CA ASN A 319 4.67 -24.17 -37.34
C ASN A 319 5.87 -23.33 -37.74
N ASP A 320 7.05 -23.97 -37.74
CA ASP A 320 8.30 -23.29 -38.04
C ASP A 320 8.47 -23.17 -39.55
N GLN A 321 9.66 -22.77 -39.99
CA GLN A 321 9.93 -22.65 -41.42
C GLN A 321 9.90 -24.01 -42.10
N ASN A 322 10.34 -25.06 -41.39
CA ASN A 322 10.34 -26.40 -41.95
C ASN A 322 8.92 -26.98 -42.09
N GLY A 323 7.92 -26.34 -41.50
CA GLY A 323 6.55 -26.80 -41.61
C GLY A 323 6.09 -27.71 -40.51
N LYS A 324 6.99 -28.22 -39.68
CA LYS A 324 6.58 -29.09 -38.58
C LYS A 324 5.95 -28.26 -37.47
N PRO A 325 4.77 -28.63 -36.99
CA PRO A 325 4.14 -27.87 -35.90
C PRO A 325 5.00 -27.91 -34.64
N VAL A 326 4.95 -26.81 -33.89
CA VAL A 326 5.71 -26.65 -32.66
C VAL A 326 4.75 -26.44 -31.50
N TRP A 327 4.99 -27.13 -30.39
CA TRP A 327 4.13 -27.06 -29.22
C TRP A 327 4.79 -26.34 -28.05
N ASP A 328 5.95 -25.72 -28.26
CA ASP A 328 6.67 -25.04 -27.19
C ASP A 328 6.16 -23.60 -27.02
N ALA A 329 4.86 -23.49 -26.79
CA ALA A 329 4.22 -22.20 -26.55
C ALA A 329 3.65 -22.07 -25.14
N CYS A 330 3.11 -23.15 -24.58
CA CYS A 330 2.59 -23.16 -23.23
C CYS A 330 3.62 -23.70 -22.23
N ALA A 331 4.82 -24.02 -22.70
CA ALA A 331 5.84 -24.62 -21.84
C ALA A 331 6.23 -23.69 -20.72
N ASN A 332 6.54 -24.26 -19.55
CA ASN A 332 6.96 -23.50 -18.39
C ASN A 332 8.43 -23.65 -18.06
N MET A 333 9.13 -24.61 -18.66
CA MET A 333 10.56 -24.76 -18.48
C MET A 333 11.22 -25.17 -19.78
N LYS A 334 12.52 -24.89 -19.87
CA LYS A 334 13.33 -25.29 -21.01
C LYS A 334 14.03 -26.60 -20.71
N VAL A 335 14.19 -27.42 -21.75
CA VAL A 335 14.73 -28.76 -21.56
C VAL A 335 16.18 -28.72 -21.12
N TRP A 336 16.99 -27.87 -21.74
CA TRP A 336 18.44 -27.92 -21.57
C TRP A 336 19.04 -26.63 -21.06
N LEU A 337 18.56 -25.48 -21.52
CA LEU A 337 19.18 -24.21 -21.18
C LEU A 337 19.11 -23.88 -19.69
N TYR A 338 18.18 -24.51 -18.96
CA TYR A 338 18.00 -24.17 -17.56
C TYR A 338 19.24 -24.49 -16.73
N GLU A 339 19.86 -25.65 -16.98
CA GLU A 339 20.94 -26.14 -16.13
C GLU A 339 22.30 -26.09 -16.83
N THR A 340 22.41 -25.40 -17.97
CA THR A 340 23.68 -25.30 -18.68
C THR A 340 23.89 -23.85 -19.13
N THR A 341 23.70 -22.91 -18.21
CA THR A 341 23.94 -21.51 -18.49
C THR A 341 24.75 -20.89 -17.35
N PRO A 342 25.89 -20.27 -17.64
CA PRO A 342 26.69 -19.65 -16.58
C PRO A 342 26.19 -18.27 -16.19
N LEU A 343 25.58 -17.56 -17.14
CA LEU A 343 25.15 -16.20 -16.91
C LEU A 343 24.00 -16.15 -15.92
N PHE A 344 24.02 -15.14 -15.04
CA PHE A 344 22.92 -14.97 -14.11
C PHE A 344 21.62 -14.65 -14.83
N THR A 345 21.69 -13.79 -15.85
CA THR A 345 20.49 -13.40 -16.59
C THR A 345 19.98 -14.50 -17.51
N GLY A 346 20.75 -15.58 -17.69
CA GLY A 346 20.32 -16.69 -18.51
C GLY A 346 19.39 -17.68 -17.83
N THR A 347 19.06 -17.44 -16.56
CA THR A 347 18.15 -18.30 -15.80
C THR A 347 16.76 -17.70 -15.68
N ILE A 348 16.66 -16.39 -15.42
CA ILE A 348 15.36 -15.75 -15.31
C ILE A 348 14.57 -15.82 -16.61
N ALA A 349 15.25 -16.07 -17.72
CA ALA A 349 14.60 -16.28 -19.01
C ALA A 349 14.39 -17.75 -19.33
N SER A 350 14.73 -18.65 -18.40
CA SER A 350 14.57 -20.08 -18.64
C SER A 350 14.06 -20.87 -17.45
N PHE A 351 13.73 -20.23 -16.33
CA PHE A 351 13.24 -20.97 -15.18
C PHE A 351 11.72 -21.20 -15.27
N ASN A 352 10.95 -20.12 -15.32
CA ASN A 352 9.52 -20.21 -15.56
C ASN A 352 9.12 -19.11 -16.54
N ILE A 353 8.76 -19.52 -17.76
CA ILE A 353 8.50 -18.56 -18.82
C ILE A 353 7.20 -17.81 -18.57
N ASN A 354 6.16 -18.50 -18.11
CA ASN A 354 4.83 -17.91 -18.11
C ASN A 354 4.70 -16.76 -17.12
N THR A 355 5.12 -16.98 -15.87
CA THR A 355 4.97 -15.93 -14.86
C THR A 355 5.87 -14.74 -15.16
N ASN A 356 7.11 -14.99 -15.57
CA ASN A 356 8.01 -13.89 -15.91
C ASN A 356 7.49 -13.10 -17.11
N ALA A 357 6.99 -13.79 -18.13
CA ALA A 357 6.43 -13.11 -19.28
C ALA A 357 5.20 -12.30 -18.91
N TRP A 358 4.35 -12.85 -18.02
CA TRP A 358 3.17 -12.12 -17.58
C TRP A 358 3.56 -10.86 -16.83
N VAL A 359 4.54 -10.96 -15.94
CA VAL A 359 4.99 -9.79 -15.19
C VAL A 359 5.58 -8.75 -16.13
N ALA A 360 6.39 -9.18 -17.10
CA ALA A 360 6.96 -8.24 -18.05
C ALA A 360 5.89 -7.57 -18.88
N ARG A 361 4.84 -8.32 -19.25
CA ARG A 361 3.81 -7.79 -20.14
C ARG A 361 2.87 -6.83 -19.43
N TYR A 362 2.53 -7.11 -18.17
CA TYR A 362 1.47 -6.36 -17.49
C TYR A 362 1.98 -5.43 -16.41
N VAL A 363 3.30 -5.20 -16.33
CA VAL A 363 3.83 -4.21 -15.40
C VAL A 363 4.72 -3.23 -16.14
N PHE A 364 5.77 -3.73 -16.80
CA PHE A 364 6.68 -2.86 -17.52
C PHE A 364 5.97 -2.12 -18.65
N LYS A 365 5.23 -2.85 -19.48
CA LYS A 365 4.53 -2.22 -20.60
C LYS A 365 3.39 -1.32 -20.15
N ARG A 366 3.00 -1.36 -18.89
CA ARG A 366 1.91 -0.54 -18.37
C ARG A 366 2.36 0.52 -17.39
N LEU A 367 3.66 0.65 -17.15
CA LEU A 367 4.19 1.61 -16.17
C LEU A 367 5.38 2.35 -16.77
N LYS A 368 5.19 2.85 -17.99
CA LYS A 368 6.24 3.59 -18.69
C LYS A 368 6.16 5.10 -18.46
N PHE A 369 5.21 5.58 -17.65
CA PHE A 369 5.07 7.01 -17.40
C PHE A 369 5.91 7.50 -16.23
N LEU A 370 6.71 6.63 -15.61
CA LEU A 370 7.73 7.04 -14.66
C LEU A 370 9.08 7.02 -15.36
N GLY A 371 9.78 8.15 -15.34
CA GLY A 371 11.01 8.29 -16.10
C GLY A 371 12.23 7.68 -15.44
N ASN A 372 12.13 6.41 -15.03
CA ASN A 372 13.28 5.71 -14.44
C ASN A 372 13.01 4.22 -14.53
N LYS A 373 13.86 3.50 -15.26
CA LYS A 373 13.67 2.06 -15.41
C LYS A 373 13.85 1.33 -14.09
N LEU A 374 14.79 1.78 -13.26
CA LEU A 374 15.05 1.11 -11.99
C LEU A 374 13.81 1.15 -11.09
N LEU A 375 13.08 2.27 -11.10
CA LEU A 375 11.87 2.35 -10.29
C LEU A 375 10.83 1.36 -10.76
N SER A 376 10.66 1.21 -12.07
CA SER A 376 9.72 0.23 -12.60
C SER A 376 10.11 -1.19 -12.22
N GLN A 377 11.41 -1.50 -12.33
CA GLN A 377 11.87 -2.84 -11.96
C GLN A 377 11.66 -3.11 -10.47
N ALA A 378 11.95 -2.11 -9.63
CA ALA A 378 11.74 -2.28 -8.19
C ALA A 378 10.27 -2.47 -7.87
N LEU A 379 9.38 -1.73 -8.54
CA LEU A 379 7.95 -1.90 -8.31
C LEU A 379 7.49 -3.29 -8.75
N ALA A 380 7.97 -3.77 -9.89
CA ALA A 380 7.60 -5.10 -10.35
C ALA A 380 8.06 -6.17 -9.36
N LEU A 381 9.30 -6.06 -8.87
CA LEU A 381 9.80 -7.05 -7.93
C LEU A 381 9.07 -6.98 -6.60
N PHE A 382 8.72 -5.76 -6.15
CA PHE A 382 7.96 -5.63 -4.91
C PHE A 382 6.57 -6.24 -5.05
N PHE A 383 5.92 -6.05 -6.20
CA PHE A 383 4.63 -6.67 -6.42
C PHE A 383 4.75 -8.19 -6.43
N LEU A 384 5.80 -8.71 -7.08
CA LEU A 384 5.99 -10.16 -7.10
C LEU A 384 6.29 -10.70 -5.71
N ALA A 385 6.93 -9.89 -4.85
CA ALA A 385 7.16 -10.32 -3.47
C ALA A 385 5.86 -10.34 -2.68
N ILE A 386 5.06 -9.28 -2.79
CA ILE A 386 3.78 -9.22 -2.11
C ILE A 386 2.82 -10.29 -2.62
N TRP A 387 3.05 -10.79 -3.84
CA TRP A 387 2.19 -11.82 -4.41
C TRP A 387 2.09 -13.04 -3.50
N HIS A 388 3.21 -13.52 -2.98
CA HIS A 388 3.21 -14.66 -2.08
C HIS A 388 4.21 -14.46 -0.94
N GLY A 389 4.18 -13.29 -0.33
CA GLY A 389 5.12 -12.95 0.73
C GLY A 389 4.47 -12.98 2.10
N LEU A 390 5.01 -13.84 2.97
CA LEU A 390 4.41 -13.99 4.30
C LEU A 390 4.92 -12.92 5.28
N HIS A 391 6.20 -13.01 5.69
CA HIS A 391 6.72 -12.05 6.65
C HIS A 391 7.93 -11.29 6.15
N SER A 392 9.07 -11.95 5.94
CA SER A 392 10.28 -11.23 5.56
C SER A 392 11.16 -11.92 4.53
N GLY A 393 11.11 -13.24 4.39
CA GLY A 393 12.08 -13.93 3.55
C GLY A 393 11.97 -13.53 2.09
N TYR A 394 10.74 -13.38 1.60
CA TYR A 394 10.54 -13.06 0.20
C TYR A 394 11.07 -11.68 -0.16
N LEU A 395 10.89 -10.70 0.74
CA LEU A 395 11.36 -9.35 0.46
C LEU A 395 12.87 -9.31 0.32
N VAL A 396 13.60 -9.91 1.27
CA VAL A 396 15.05 -9.90 1.20
C VAL A 396 15.54 -10.74 0.02
N CYS A 397 14.85 -11.85 -0.27
CA CYS A 397 15.24 -12.67 -1.41
C CYS A 397 15.13 -11.89 -2.71
N PHE A 398 14.03 -11.18 -2.91
CA PHE A 398 13.85 -10.45 -4.17
C PHE A 398 14.73 -9.22 -4.25
N GLN A 399 14.97 -8.53 -3.12
CA GLN A 399 15.95 -7.46 -3.12
C GLN A 399 17.33 -7.98 -3.53
N MET A 400 17.72 -9.12 -2.97
CA MET A 400 19.02 -9.69 -3.31
C MET A 400 19.06 -10.02 -4.81
N GLU A 401 17.97 -10.60 -5.32
CA GLU A 401 17.88 -10.94 -6.75
C GLU A 401 18.06 -9.70 -7.62
N LEU A 402 17.39 -8.61 -7.26
CA LEU A 402 17.59 -7.36 -7.98
C LEU A 402 19.05 -6.95 -7.96
N LEU A 403 19.71 -7.14 -6.82
CA LEU A 403 21.13 -6.77 -6.73
C LEU A 403 21.97 -7.61 -7.69
N ILE A 404 21.76 -8.93 -7.74
CA ILE A 404 22.53 -9.75 -8.68
C ILE A 404 22.26 -9.32 -10.12
N VAL A 405 20.99 -9.07 -10.47
CA VAL A 405 20.73 -8.76 -11.87
C VAL A 405 21.39 -7.44 -12.27
N ILE A 406 21.37 -6.44 -11.38
CA ILE A 406 22.02 -5.17 -11.67
C ILE A 406 23.53 -5.36 -11.80
N VAL A 407 24.14 -6.10 -10.86
CA VAL A 407 25.59 -6.30 -10.89
C VAL A 407 26.00 -7.05 -12.16
N GLU A 408 25.23 -8.09 -12.52
CA GLU A 408 25.55 -8.86 -13.72
C GLU A 408 25.44 -8.00 -14.97
N ARG A 409 24.40 -7.16 -15.05
CA ARG A 409 24.29 -6.29 -16.21
C ARG A 409 25.46 -5.31 -16.29
N GLN A 410 25.87 -4.74 -15.16
CA GLN A 410 27.02 -3.84 -15.16
C GLN A 410 28.28 -4.56 -15.63
N VAL A 411 28.52 -5.76 -15.10
CA VAL A 411 29.74 -6.49 -15.43
C VAL A 411 29.75 -6.88 -16.90
N ILE A 412 28.62 -7.37 -17.42
CA ILE A 412 28.59 -7.78 -18.82
C ILE A 412 28.68 -6.57 -19.74
N ASN A 413 28.19 -5.40 -19.29
CA ASN A 413 28.36 -4.19 -20.08
C ASN A 413 29.83 -3.80 -20.14
N LEU A 414 30.53 -3.85 -18.99
CA LEU A 414 31.93 -3.41 -18.96
C LEU A 414 32.80 -4.29 -19.85
N VAL A 415 32.62 -5.61 -19.79
CA VAL A 415 33.45 -6.51 -20.58
C VAL A 415 33.13 -6.34 -22.06
N ARG A 416 34.14 -6.56 -22.90
CA ARG A 416 34.06 -6.37 -24.35
C ARG A 416 33.75 -4.92 -24.72
N ASP A 417 33.98 -3.98 -23.81
CA ASP A 417 33.74 -2.56 -24.04
C ASP A 417 34.89 -1.75 -23.48
N SER A 418 36.12 -2.27 -23.63
CA SER A 418 37.31 -1.59 -23.14
C SER A 418 38.40 -1.67 -24.20
N PRO A 419 39.20 -0.61 -24.35
CA PRO A 419 40.30 -0.66 -25.32
C PRO A 419 41.34 -1.73 -25.01
N THR A 420 41.57 -2.02 -23.73
CA THR A 420 42.62 -2.95 -23.31
C THR A 420 42.09 -4.29 -22.85
N LEU A 421 40.97 -4.31 -22.12
CA LEU A 421 40.43 -5.56 -21.60
C LEU A 421 39.89 -6.45 -22.72
N SER A 422 39.58 -5.88 -23.88
CA SER A 422 39.07 -6.67 -24.99
C SER A 422 40.10 -7.70 -25.44
N THR A 423 41.38 -7.30 -25.53
CA THR A 423 42.43 -8.24 -25.92
C THR A 423 42.59 -9.36 -24.91
N LEU A 424 42.53 -9.02 -23.61
CA LEU A 424 42.62 -10.05 -22.57
C LEU A 424 41.46 -11.02 -22.65
N ALA A 425 40.24 -10.50 -22.88
CA ALA A 425 39.07 -11.37 -23.02
C ALA A 425 39.04 -12.10 -24.35
N SER A 426 39.83 -11.66 -25.34
CA SER A 426 39.87 -12.32 -26.64
C SER A 426 40.71 -13.59 -26.63
N ILE A 427 41.40 -13.88 -25.53
CA ILE A 427 42.19 -15.10 -25.44
C ILE A 427 41.23 -16.29 -25.50
N THR A 428 41.33 -17.09 -26.56
CA THR A 428 40.42 -18.19 -26.80
C THR A 428 41.12 -19.54 -26.96
N ALA A 429 42.45 -19.58 -26.93
CA ALA A 429 43.15 -20.85 -27.01
C ALA A 429 42.80 -21.74 -25.82
N LEU A 430 42.80 -21.16 -24.62
CA LEU A 430 42.36 -21.86 -23.42
C LEU A 430 41.47 -20.91 -22.63
N GLN A 431 40.39 -21.44 -22.07
CA GLN A 431 39.38 -20.63 -21.37
C GLN A 431 39.08 -21.22 -19.99
N PRO A 432 40.04 -21.15 -19.08
CA PRO A 432 39.76 -21.59 -17.69
C PRO A 432 38.66 -20.79 -17.04
N ILE A 433 38.55 -19.50 -17.35
CA ILE A 433 37.48 -18.68 -16.79
C ILE A 433 36.12 -19.18 -17.27
N PHE A 434 36.01 -19.43 -18.58
CA PHE A 434 34.77 -19.95 -19.15
C PHE A 434 34.49 -21.38 -18.69
N TYR A 435 35.47 -22.04 -18.07
CA TYR A 435 35.30 -23.38 -17.53
C TYR A 435 34.57 -23.33 -16.19
N VAL A 436 34.64 -24.43 -15.43
CA VAL A 436 33.95 -24.61 -14.16
C VAL A 436 34.21 -23.45 -13.21
N LEU A 437 35.25 -22.66 -13.48
CA LEU A 437 35.55 -21.50 -12.63
C LEU A 437 34.40 -20.51 -12.63
N GLN A 438 33.84 -20.21 -13.81
CA GLN A 438 32.70 -19.29 -13.86
C GLN A 438 31.49 -19.88 -13.16
N GLN A 439 31.23 -21.16 -13.37
CA GLN A 439 30.14 -21.85 -12.69
C GLN A 439 30.63 -22.21 -11.29
N THR A 440 29.85 -22.98 -10.54
CA THR A 440 30.06 -23.25 -9.12
C THR A 440 30.11 -21.97 -8.30
N ASN A 441 29.79 -20.84 -8.91
CA ASN A 441 29.59 -19.55 -8.26
C ASN A 441 28.19 -19.01 -8.49
N HIS A 442 27.59 -19.32 -9.65
CA HIS A 442 26.20 -19.00 -9.88
C HIS A 442 25.29 -19.82 -8.97
N TRP A 443 25.56 -21.13 -8.85
CA TRP A 443 24.77 -21.97 -7.96
C TRP A 443 24.93 -21.55 -6.51
N MET A 444 26.13 -21.13 -6.12
CA MET A 444 26.36 -20.77 -4.73
C MET A 444 25.56 -19.53 -4.35
N PHE A 445 25.59 -18.50 -5.19
CA PHE A 445 24.77 -17.32 -4.92
C PHE A 445 23.28 -17.64 -5.06
N MET A 446 22.92 -18.57 -5.94
CA MET A 446 21.53 -18.99 -6.03
C MET A 446 21.04 -19.57 -4.71
N GLY A 447 21.83 -20.46 -4.11
CA GLY A 447 21.47 -21.00 -2.81
C GLY A 447 21.52 -19.94 -1.72
N TYR A 448 22.48 -19.02 -1.81
CA TYR A 448 22.60 -17.96 -0.83
C TYR A 448 21.36 -17.07 -0.81
N SER A 449 20.81 -16.78 -1.98
CA SER A 449 19.59 -15.99 -2.05
C SER A 449 18.33 -16.82 -1.91
N LEU A 450 18.44 -18.15 -2.02
CA LEU A 450 17.30 -19.03 -1.84
C LEU A 450 17.08 -19.47 -0.41
N VAL A 451 18.10 -19.34 0.45
CA VAL A 451 17.94 -19.68 1.86
C VAL A 451 16.77 -18.93 2.51
N PRO A 452 16.63 -17.61 2.37
CA PRO A 452 15.48 -16.93 2.99
C PRO A 452 14.13 -17.34 2.40
N PHE A 453 14.11 -17.99 1.25
CA PHE A 453 12.83 -18.39 0.66
C PHE A 453 12.21 -19.56 1.41
N CYS A 454 13.03 -20.51 1.85
CA CYS A 454 12.52 -21.68 2.55
C CYS A 454 12.45 -21.49 4.06
N LEU A 455 12.96 -20.37 4.58
CA LEU A 455 12.91 -20.06 6.02
C LEU A 455 12.53 -18.59 6.12
N PHE A 456 11.23 -18.31 6.21
CA PHE A 456 10.72 -16.96 6.15
C PHE A 456 10.33 -16.40 7.52
N THR A 457 11.06 -16.79 8.57
CA THR A 457 10.90 -16.23 9.90
C THR A 457 12.22 -15.59 10.30
N TRP A 458 12.16 -14.35 10.79
CA TRP A 458 13.37 -13.56 10.97
C TRP A 458 14.36 -14.24 11.91
N ASP A 459 13.87 -14.98 12.90
CA ASP A 459 14.76 -15.62 13.86
C ASP A 459 15.59 -16.71 13.19
N LYS A 460 14.93 -17.71 12.61
CA LYS A 460 15.65 -18.80 11.95
C LYS A 460 16.46 -18.27 10.77
N TRP A 461 15.86 -17.38 9.97
CA TRP A 461 16.55 -16.76 8.84
C TRP A 461 17.87 -16.15 9.29
N MET A 462 17.84 -15.23 10.25
CA MET A 462 19.05 -14.55 10.67
C MET A 462 20.03 -15.50 11.34
N LYS A 463 19.53 -16.45 12.13
CA LYS A 463 20.43 -17.35 12.84
C LYS A 463 21.21 -18.24 11.87
N VAL A 464 20.55 -18.69 10.79
CA VAL A 464 21.25 -19.50 9.81
C VAL A 464 22.03 -18.64 8.80
N TYR A 465 21.71 -17.36 8.69
CA TYR A 465 22.30 -16.52 7.67
C TYR A 465 23.52 -15.77 8.18
N LYS A 466 23.62 -15.54 9.48
CA LYS A 466 24.77 -14.83 10.05
C LYS A 466 26.02 -15.70 10.08
N SER A 467 25.87 -17.01 10.20
CA SER A 467 27.02 -17.89 10.32
C SER A 467 27.88 -17.94 9.06
N ILE A 468 27.36 -17.46 7.94
CA ILE A 468 28.12 -17.47 6.68
C ILE A 468 28.77 -16.09 6.51
N TYR A 469 28.68 -15.26 7.54
CA TYR A 469 29.35 -13.96 7.62
C TYR A 469 28.81 -12.96 6.60
N PHE A 470 27.56 -13.10 6.19
CA PHE A 470 26.92 -12.15 5.26
C PHE A 470 27.76 -11.98 4.00
N LEU A 471 28.25 -13.10 3.47
CA LEU A 471 29.27 -13.05 2.43
C LEU A 471 28.76 -12.38 1.15
N GLY A 472 27.55 -12.74 0.72
CA GLY A 472 27.07 -12.26 -0.57
C GLY A 472 26.86 -10.76 -0.60
N HIS A 473 26.21 -10.22 0.43
CA HIS A 473 25.94 -8.78 0.47
C HIS A 473 27.23 -7.97 0.50
N VAL A 474 28.20 -8.37 1.35
CA VAL A 474 29.43 -7.60 1.44
C VAL A 474 30.23 -7.71 0.15
N LEU A 475 30.31 -8.92 -0.43
CA LEU A 475 31.09 -9.10 -1.64
C LEU A 475 30.50 -8.29 -2.79
N PHE A 476 29.18 -8.33 -2.95
CA PHE A 476 28.57 -7.57 -4.05
C PHE A 476 28.57 -6.07 -3.77
N PHE A 477 28.48 -5.63 -2.52
CA PHE A 477 28.62 -4.20 -2.25
C PHE A 477 30.01 -3.71 -2.61
N THR A 478 31.04 -4.49 -2.24
CA THR A 478 32.40 -4.14 -2.62
C THR A 478 32.55 -4.09 -4.14
N LEU A 479 32.03 -5.10 -4.83
CA LEU A 479 32.15 -5.13 -6.28
C LEU A 479 31.41 -3.97 -6.92
N LEU A 480 30.22 -3.65 -6.41
CA LEU A 480 29.41 -2.57 -6.98
C LEU A 480 30.06 -1.22 -6.76
N LEU A 481 30.78 -1.05 -5.65
CA LEU A 481 31.50 0.20 -5.42
C LEU A 481 32.87 0.24 -6.08
N VAL A 482 33.40 -0.91 -6.52
CA VAL A 482 34.71 -0.92 -7.16
C VAL A 482 34.61 -0.75 -8.67
N LEU A 483 33.68 -1.46 -9.33
CA LEU A 483 33.61 -1.42 -10.79
C LEU A 483 33.49 -0.03 -11.41
N PRO A 484 32.69 0.92 -10.89
CA PRO A 484 32.66 2.23 -11.53
C PRO A 484 34.02 2.92 -11.64
N TYR A 485 34.85 2.81 -10.60
CA TYR A 485 36.14 3.49 -10.61
C TYR A 485 37.09 2.87 -11.63
N ILE A 486 37.18 1.54 -11.65
CA ILE A 486 38.06 0.90 -12.62
C ILE A 486 37.52 1.04 -14.04
N ARG A 487 36.20 1.11 -14.19
CA ARG A 487 35.61 1.38 -15.49
C ARG A 487 36.01 2.76 -16.00
N LYS A 488 35.97 3.77 -15.12
CA LYS A 488 36.44 5.09 -15.52
C LYS A 488 37.95 5.09 -15.77
N LEU A 489 38.70 4.27 -15.03
CA LEU A 489 40.14 4.17 -15.25
C LEU A 489 40.44 3.59 -16.63
N LEU A 490 39.69 2.56 -17.04
CA LEU A 490 39.91 1.93 -18.34
C LEU A 490 38.59 1.50 -18.97
N LEU B 42 9.79 18.59 43.79
CA LEU B 42 9.84 18.47 42.34
C LEU B 42 8.72 17.55 41.85
N ALA B 43 8.91 16.25 42.03
CA ALA B 43 7.91 15.27 41.61
C ALA B 43 6.70 15.24 42.55
N ARG B 44 6.83 15.78 43.76
CA ARG B 44 5.71 15.80 44.69
C ARG B 44 4.55 16.63 44.15
N VAL B 45 4.85 17.78 43.55
CA VAL B 45 3.83 18.64 42.97
C VAL B 45 3.64 18.41 41.48
N ALA B 46 4.52 17.65 40.82
CA ALA B 46 4.37 17.38 39.40
C ALA B 46 3.11 16.56 39.13
N GLU B 47 2.87 15.52 39.93
CA GLU B 47 1.69 14.67 39.78
C GLU B 47 0.65 14.93 40.85
N ALA B 48 0.75 16.05 41.56
CA ALA B 48 -0.18 16.31 42.66
C ALA B 48 -1.61 16.48 42.18
N LEU B 49 -1.82 17.24 41.10
CA LEU B 49 -3.16 17.54 40.61
C LEU B 49 -3.62 16.54 39.55
N GLY B 50 -3.46 15.25 39.84
CA GLY B 50 -3.97 14.20 38.98
C GLY B 50 -3.48 14.25 37.55
N SER B 51 -2.23 14.69 37.34
CA SER B 51 -1.67 14.84 36.00
C SER B 51 -0.40 14.02 35.88
N SER B 52 -0.23 13.38 34.73
CA SER B 52 0.95 12.57 34.48
C SER B 52 2.17 13.45 34.24
N GLU B 53 3.35 12.80 34.24
CA GLU B 53 4.59 13.53 34.01
C GLU B 53 4.73 14.03 32.57
N GLN B 54 3.95 13.48 31.64
CA GLN B 54 4.09 13.82 30.23
C GLN B 54 3.14 14.93 29.80
N ALA B 55 1.90 14.91 30.28
CA ALA B 55 0.95 15.96 29.91
C ALA B 55 1.40 17.32 30.44
N LEU B 56 1.89 17.37 31.68
CA LEU B 56 2.40 18.63 32.21
C LEU B 56 3.62 19.11 31.43
N ARG B 57 4.49 18.17 31.04
CA ARG B 57 5.64 18.56 30.22
C ARG B 57 5.18 19.15 28.89
N LEU B 58 4.20 18.53 28.24
CA LEU B 58 3.70 19.06 26.98
C LEU B 58 3.08 20.44 27.16
N ILE B 59 2.29 20.62 28.22
CA ILE B 59 1.61 21.90 28.38
C ILE B 59 2.60 23.01 28.70
N VAL B 60 3.62 22.70 29.52
CA VAL B 60 4.63 23.73 29.82
C VAL B 60 5.47 24.03 28.59
N SER B 61 5.76 23.01 27.77
CA SER B 61 6.51 23.25 26.54
C SER B 61 5.71 24.13 25.58
N ILE B 62 4.40 23.87 25.47
CA ILE B 62 3.55 24.69 24.60
C ILE B 62 3.50 26.12 25.12
N LEU B 63 3.33 26.29 26.43
CA LEU B 63 3.22 27.64 26.99
C LEU B 63 4.53 28.41 26.92
N MET B 64 5.67 27.71 26.91
CA MET B 64 6.97 28.36 26.89
C MET B 64 7.28 29.05 25.57
N GLY B 65 6.38 29.02 24.59
CA GLY B 65 6.64 29.70 23.33
C GLY B 65 6.54 31.21 23.40
N TYR B 66 5.75 31.74 24.34
CA TYR B 66 5.57 33.19 24.43
C TYR B 66 6.86 33.94 24.76
N PRO B 67 7.65 33.55 25.77
CA PRO B 67 8.89 34.30 26.03
C PRO B 67 9.84 34.33 24.85
N PHE B 68 9.95 33.23 24.10
CA PHE B 68 10.81 33.22 22.93
C PHE B 68 10.30 34.20 21.86
N ALA B 69 8.99 34.24 21.64
CA ALA B 69 8.43 35.19 20.69
C ALA B 69 8.68 36.61 21.13
N LEU B 70 8.52 36.89 22.43
CA LEU B 70 8.80 38.23 22.94
C LEU B 70 10.26 38.60 22.74
N PHE B 71 11.17 37.66 23.00
CA PHE B 71 12.59 37.91 22.80
C PHE B 71 12.89 38.21 21.33
N GLN B 72 12.30 37.44 20.42
CA GLN B 72 12.52 37.68 19.00
C GLN B 72 11.96 39.03 18.56
N ARG B 73 10.77 39.38 19.03
CA ARG B 73 10.15 40.63 18.63
C ARG B 73 10.90 41.84 19.19
N TYR B 74 11.42 41.72 20.41
CA TYR B 74 12.14 42.85 21.00
C TYR B 74 13.46 43.11 20.30
N PHE B 75 14.07 42.09 19.72
CA PHE B 75 15.34 42.22 19.00
C PHE B 75 15.09 41.84 17.54
N LEU B 76 14.67 42.83 16.75
CA LEU B 76 14.38 42.63 15.33
C LEU B 76 15.32 43.38 14.42
N PHE B 77 16.26 44.15 14.97
CA PHE B 77 17.19 44.94 14.16
C PHE B 77 18.23 44.10 13.43
N GLN B 78 18.14 42.77 13.52
CA GLN B 78 19.06 41.90 12.80
C GLN B 78 18.74 41.91 11.31
N LYS B 79 19.76 42.15 10.49
CA LYS B 79 19.59 42.21 9.04
C LYS B 79 20.12 40.98 8.33
N GLU B 80 20.49 39.94 9.08
CA GLU B 80 21.02 38.71 8.52
C GLU B 80 20.08 37.56 8.86
N THR B 81 19.73 36.76 7.85
CA THR B 81 18.74 35.70 8.05
C THR B 81 19.30 34.50 8.80
N TYR B 82 20.61 34.27 8.71
CA TYR B 82 21.18 33.07 9.34
C TYR B 82 21.03 33.12 10.86
N LEU B 83 21.02 34.31 11.45
CA LEU B 83 20.82 34.41 12.89
C LEU B 83 19.43 33.95 13.28
N ILE B 84 18.41 34.38 12.53
CA ILE B 84 17.04 33.93 12.82
C ILE B 84 16.91 32.43 12.59
N HIS B 85 17.51 31.92 11.51
CA HIS B 85 17.42 30.49 11.25
C HIS B 85 18.07 29.67 12.36
N LEU B 86 19.26 30.09 12.81
CA LEU B 86 19.93 29.38 13.88
C LEU B 86 19.15 29.48 15.18
N TYR B 87 18.56 30.65 15.45
CA TYR B 87 17.74 30.81 16.65
C TYR B 87 16.55 29.85 16.63
N ASN B 88 15.87 29.76 15.49
CA ASN B 88 14.73 28.84 15.38
C ASN B 88 15.17 27.40 15.56
N VAL B 89 16.29 27.00 14.94
CA VAL B 89 16.76 25.62 15.08
C VAL B 89 17.12 25.31 16.52
N PHE B 90 17.84 26.22 17.18
CA PHE B 90 18.23 26.00 18.56
C PHE B 90 17.00 25.89 19.46
N THR B 91 16.01 26.77 19.29
CA THR B 91 14.83 26.72 20.14
C THR B 91 14.05 25.43 19.91
N GLY B 92 13.88 25.03 18.65
CA GLY B 92 13.17 23.79 18.37
C GLY B 92 13.87 22.57 18.94
N LEU B 93 15.18 22.51 18.79
CA LEU B 93 15.93 21.38 19.33
C LEU B 93 15.90 21.37 20.85
N SER B 94 15.95 22.54 21.48
CA SER B 94 15.85 22.60 22.94
C SER B 94 14.50 22.11 23.42
N ILE B 95 13.42 22.51 22.73
CA ILE B 95 12.09 22.04 23.11
C ILE B 95 11.99 20.52 22.94
N ALA B 96 12.51 20.00 21.82
CA ALA B 96 12.47 18.56 21.60
C ALA B 96 13.26 17.81 22.66
N TYR B 97 14.44 18.34 23.04
CA TYR B 97 15.23 17.72 24.09
C TYR B 97 14.49 17.73 25.42
N PHE B 98 13.85 18.85 25.75
CA PHE B 98 13.11 18.93 27.01
C PHE B 98 11.96 17.94 27.05
N ASN B 99 11.24 17.80 25.94
CA ASN B 99 10.10 16.88 25.93
C ASN B 99 10.55 15.43 26.08
N PHE B 100 11.59 15.04 25.34
CA PHE B 100 12.15 13.69 25.43
C PHE B 100 13.53 13.71 24.80
N GLY B 101 14.52 13.21 25.55
CA GLY B 101 15.91 13.49 25.21
C GLY B 101 16.69 12.42 24.49
N MET B 102 16.02 11.47 23.86
CA MET B 102 16.72 10.40 23.16
C MET B 102 16.16 10.08 21.79
N GLN B 103 15.16 10.82 21.31
CA GLN B 103 14.50 10.45 20.07
C GLN B 103 14.46 11.57 19.03
N PHE B 104 15.00 12.75 19.32
CA PHE B 104 14.95 13.85 18.36
C PHE B 104 15.87 13.60 17.17
N PHE B 105 16.91 12.77 17.35
CA PHE B 105 17.78 12.46 16.23
C PHE B 105 17.04 11.75 15.11
N HIS B 106 15.93 11.08 15.42
CA HIS B 106 15.10 10.48 14.38
C HIS B 106 14.60 11.54 13.41
N SER B 107 13.97 12.59 13.93
CA SER B 107 13.49 13.67 13.07
C SER B 107 14.63 14.43 12.42
N LEU B 108 15.75 14.58 13.14
CA LEU B 108 16.91 15.26 12.56
C LEU B 108 17.40 14.53 11.32
N LEU B 109 17.61 13.21 11.42
CA LEU B 109 18.06 12.45 10.26
C LEU B 109 16.98 12.39 9.19
N CYS B 110 15.70 12.41 9.58
CA CYS B 110 14.64 12.42 8.60
C CYS B 110 14.70 13.66 7.71
N VAL B 111 14.77 14.84 8.33
CA VAL B 111 14.82 16.07 7.54
C VAL B 111 16.15 16.15 6.77
N LEU B 112 17.24 15.65 7.37
CA LEU B 112 18.52 15.64 6.67
C LEU B 112 18.43 14.84 5.38
N ILE B 113 17.95 13.60 5.48
CA ILE B 113 17.80 12.76 4.30
C ILE B 113 16.84 13.40 3.32
N GLN B 114 15.80 14.07 3.82
CA GLN B 114 14.82 14.67 2.92
C GLN B 114 15.45 15.74 2.04
N PHE B 115 16.16 16.71 2.64
CA PHE B 115 16.67 17.73 1.71
C PHE B 115 17.92 17.23 0.97
N LEU B 116 18.58 16.19 1.48
CA LEU B 116 19.66 15.58 0.71
C LEU B 116 19.12 14.95 -0.57
N ILE B 117 17.99 14.25 -0.49
CA ILE B 117 17.40 13.65 -1.69
C ILE B 117 16.67 14.69 -2.53
N LEU B 118 16.21 15.79 -1.93
CA LEU B 118 15.59 16.85 -2.70
C LEU B 118 16.63 17.68 -3.47
N ARG B 119 17.87 17.75 -2.97
CA ARG B 119 18.91 18.46 -3.71
C ARG B 119 19.14 17.84 -5.07
N LEU B 120 19.18 16.52 -5.14
CA LEU B 120 19.32 15.81 -6.41
C LEU B 120 17.94 15.58 -7.03
N MET B 121 17.91 15.48 -8.35
CA MET B 121 16.71 15.25 -9.14
C MET B 121 15.52 16.07 -8.62
N GLY B 122 15.72 17.39 -8.62
CA GLY B 122 14.78 18.28 -7.97
C GLY B 122 13.40 18.26 -8.59
N ARG B 123 13.32 18.35 -9.92
CA ARG B 123 12.05 18.46 -10.61
C ARG B 123 11.54 17.13 -11.15
N THR B 124 12.25 16.03 -10.90
CA THR B 124 11.84 14.75 -11.46
C THR B 124 10.60 14.22 -10.76
N VAL B 125 9.71 13.60 -11.54
CA VAL B 125 8.50 13.01 -10.99
C VAL B 125 8.84 11.85 -10.06
N THR B 126 10.00 11.22 -10.26
CA THR B 126 10.40 10.14 -9.36
C THR B 126 10.69 10.64 -7.95
N ALA B 127 11.18 11.88 -7.84
CA ALA B 127 11.56 12.42 -6.54
C ALA B 127 10.37 12.53 -5.59
N VAL B 128 9.24 13.02 -6.09
CA VAL B 128 8.08 13.20 -5.22
C VAL B 128 7.54 11.86 -4.75
N PHE B 129 7.49 10.87 -5.63
CA PHE B 129 7.03 9.55 -5.21
C PHE B 129 8.00 8.90 -4.24
N THR B 130 9.31 9.10 -4.45
CA THR B 130 10.29 8.52 -3.56
C THR B 130 10.18 9.12 -2.16
N THR B 131 10.08 10.45 -2.08
CA THR B 131 9.95 11.09 -0.76
C THR B 131 8.63 10.74 -0.10
N PHE B 132 7.55 10.63 -0.89
CA PHE B 132 6.26 10.23 -0.32
C PHE B 132 6.36 8.85 0.31
N VAL B 133 6.90 7.88 -0.44
CA VAL B 133 7.01 6.52 0.07
C VAL B 133 7.93 6.48 1.29
N PHE B 134 9.06 7.18 1.24
CA PHE B 134 10.01 7.15 2.34
C PHE B 134 9.39 7.71 3.62
N GLN B 135 8.75 8.88 3.52
CA GLN B 135 8.14 9.49 4.70
C GLN B 135 7.02 8.62 5.25
N MET B 136 6.15 8.12 4.36
CA MET B 136 5.02 7.30 4.82
C MET B 136 5.51 6.03 5.50
N THR B 137 6.50 5.35 4.92
CA THR B 137 6.98 4.12 5.53
C THR B 137 7.72 4.39 6.82
N TYR B 138 8.42 5.54 6.93
CA TYR B 138 9.06 5.88 8.20
C TYR B 138 8.02 6.06 9.30
N LEU B 139 6.95 6.81 9.00
CA LEU B 139 5.91 7.02 10.00
C LEU B 139 5.20 5.71 10.35
N MET B 140 4.94 4.87 9.34
CA MET B 140 4.28 3.60 9.62
C MET B 140 5.14 2.68 10.46
N ALA B 141 6.45 2.64 10.18
CA ALA B 141 7.35 1.85 11.02
C ALA B 141 7.39 2.40 12.44
N GLY B 142 7.36 3.72 12.58
CA GLY B 142 7.31 4.30 13.92
C GLY B 142 6.09 3.87 14.69
N TYR B 143 4.90 3.93 14.06
CA TYR B 143 3.69 3.47 14.73
C TYR B 143 3.74 1.97 15.02
N TYR B 144 4.24 1.17 14.08
CA TYR B 144 4.24 -0.28 14.26
C TYR B 144 5.16 -0.69 15.40
N PHE B 145 6.32 -0.04 15.53
CA PHE B 145 7.25 -0.36 16.61
C PHE B 145 6.91 0.36 17.91
N THR B 146 6.02 1.35 17.88
CA THR B 146 5.64 2.05 19.10
C THR B 146 4.63 1.26 19.92
N ALA B 147 3.48 0.94 19.32
CA ALA B 147 2.42 0.16 19.97
C ALA B 147 1.94 0.86 21.25
N THR B 148 1.43 2.07 21.08
CA THR B 148 0.84 2.81 22.20
C THR B 148 -0.49 2.18 22.60
N GLU B 149 -0.93 2.49 23.82
CA GLU B 149 -2.17 1.92 24.35
C GLU B 149 -3.26 2.95 24.56
N HIS B 150 -3.04 3.96 25.41
CA HIS B 150 -4.11 4.91 25.63
C HIS B 150 -3.93 6.20 24.82
N TYR B 151 -2.97 7.03 25.20
CA TYR B 151 -2.52 8.12 24.35
C TYR B 151 -1.00 8.10 24.23
N ASP B 152 -0.32 8.06 25.37
CA ASP B 152 1.14 7.96 25.47
C ASP B 152 1.83 9.01 24.59
N ILE B 153 1.66 10.27 25.00
CA ILE B 153 2.32 11.40 24.35
C ILE B 153 3.79 11.09 24.16
N LYS B 154 4.26 11.19 22.92
CA LYS B 154 5.65 10.86 22.62
C LYS B 154 6.05 11.50 21.30
N TRP B 155 7.15 11.02 20.73
CA TRP B 155 7.71 11.52 19.47
C TRP B 155 6.74 11.45 18.29
N THR B 156 5.72 10.59 18.35
CA THR B 156 4.92 10.32 17.17
C THR B 156 4.21 11.57 16.67
N MET B 157 3.64 12.38 17.56
CA MET B 157 2.94 13.59 17.10
C MET B 157 3.87 14.59 16.43
N PRO B 158 4.99 15.00 17.03
CA PRO B 158 5.88 15.92 16.31
C PRO B 158 6.38 15.34 15.00
N HIS B 159 6.70 14.05 14.97
CA HIS B 159 7.17 13.48 13.70
C HIS B 159 6.07 13.48 12.65
N CYS B 160 4.82 13.24 13.07
CA CYS B 160 3.71 13.23 12.12
C CYS B 160 3.49 14.60 11.52
N VAL B 161 3.46 15.64 12.36
CA VAL B 161 3.30 16.99 11.85
C VAL B 161 4.46 17.35 10.92
N LEU B 162 5.69 17.01 11.33
CA LEU B 162 6.85 17.34 10.51
C LEU B 162 6.78 16.64 9.15
N THR B 163 6.41 15.36 9.13
CA THR B 163 6.42 14.63 7.87
C THR B 163 5.31 15.10 6.94
N LEU B 164 4.15 15.48 7.47
CA LEU B 164 3.11 15.97 6.59
C LEU B 164 3.51 17.34 6.00
N LYS B 165 4.05 18.22 6.83
CA LYS B 165 4.54 19.50 6.34
C LYS B 165 5.62 19.32 5.29
N LEU B 166 6.48 18.32 5.48
CA LEU B 166 7.62 18.13 4.59
C LEU B 166 7.18 17.53 3.25
N ILE B 167 6.22 16.60 3.28
CA ILE B 167 5.64 16.10 2.04
C ILE B 167 4.97 17.24 1.28
N GLY B 168 4.29 18.14 2.00
CA GLY B 168 3.75 19.32 1.36
C GLY B 168 4.82 20.16 0.69
N LEU B 169 5.96 20.35 1.36
CA LEU B 169 7.07 21.08 0.77
C LEU B 169 7.55 20.41 -0.51
N ALA B 170 7.68 19.10 -0.50
CA ALA B 170 8.14 18.38 -1.69
C ALA B 170 7.17 18.54 -2.86
N ILE B 171 5.86 18.43 -2.59
CA ILE B 171 4.87 18.64 -3.63
C ILE B 171 4.98 20.04 -4.20
N ASP B 172 5.12 21.04 -3.31
CA ASP B 172 5.22 22.42 -3.75
C ASP B 172 6.45 22.63 -4.63
N TYR B 173 7.58 22.05 -4.22
CA TYR B 173 8.82 22.21 -4.99
C TYR B 173 8.69 21.57 -6.37
N TYR B 174 8.11 20.38 -6.44
CA TYR B 174 7.91 19.75 -7.74
C TYR B 174 7.00 20.58 -8.63
N ASP B 175 5.92 21.13 -8.06
CA ASP B 175 4.98 21.90 -8.86
C ASP B 175 5.62 23.20 -9.34
N GLY B 176 6.48 23.81 -8.52
CA GLY B 176 7.06 25.09 -8.87
C GLY B 176 7.98 25.06 -10.08
N GLY B 177 8.41 23.89 -10.51
CA GLY B 177 9.24 23.76 -11.68
C GLY B 177 8.51 23.66 -13.00
N LYS B 178 7.19 23.81 -13.01
CA LYS B 178 6.41 23.71 -14.23
C LYS B 178 6.45 25.04 -14.96
N ASP B 179 5.65 25.17 -16.02
CA ASP B 179 5.62 26.40 -16.80
C ASP B 179 4.98 27.54 -16.02
N PRO B 180 5.39 28.79 -16.29
CA PRO B 180 4.90 29.93 -15.52
C PRO B 180 3.50 30.41 -15.88
N GLU B 181 2.71 29.63 -16.62
CA GLU B 181 1.40 30.11 -17.04
C GLU B 181 0.45 30.15 -15.84
N LEU B 182 -0.83 30.46 -16.13
CA LEU B 182 -1.84 30.67 -15.10
C LEU B 182 -1.89 29.51 -14.11
N LEU B 183 -2.30 28.33 -14.58
CA LEU B 183 -2.26 27.10 -13.80
C LEU B 183 -2.95 27.27 -12.44
N THR B 184 -4.27 27.49 -12.49
CA THR B 184 -5.06 27.72 -11.29
C THR B 184 -4.43 28.84 -10.48
N PRO B 185 -4.61 30.11 -10.89
CA PRO B 185 -3.72 31.20 -10.46
C PRO B 185 -3.51 31.35 -8.96
N GLU B 186 -4.25 30.60 -8.14
CA GLU B 186 -3.95 30.63 -6.71
C GLU B 186 -2.66 29.89 -6.35
N GLN B 187 -1.86 29.43 -7.32
CA GLN B 187 -0.67 28.65 -7.03
C GLN B 187 0.63 29.45 -7.07
N ARG B 188 0.73 30.45 -7.94
CA ARG B 188 1.98 31.21 -8.03
C ARG B 188 2.29 31.91 -6.72
N ARG B 189 1.28 32.47 -6.07
CA ARG B 189 1.47 33.06 -4.74
C ARG B 189 1.78 32.01 -3.70
N PHE B 190 1.49 30.74 -3.98
CA PHE B 190 1.60 29.67 -3.00
C PHE B 190 2.70 28.66 -3.30
N ALA B 191 3.37 28.75 -4.43
CA ALA B 191 4.38 27.78 -4.84
C ALA B 191 5.76 28.41 -4.85
N VAL B 192 6.76 27.61 -4.46
CA VAL B 192 8.15 28.08 -4.48
C VAL B 192 8.64 28.21 -5.91
N ARG B 193 9.61 29.11 -6.10
CA ARG B 193 10.15 29.40 -7.42
C ARG B 193 11.52 28.77 -7.66
N GLY B 194 11.79 27.64 -7.00
CA GLY B 194 13.05 26.94 -7.23
C GLY B 194 14.27 27.61 -6.63
N VAL B 195 14.10 28.42 -5.61
CA VAL B 195 15.22 29.10 -4.95
C VAL B 195 16.04 28.06 -4.19
N PRO B 196 17.33 28.33 -3.93
CA PRO B 196 18.11 27.38 -3.13
C PRO B 196 17.55 27.22 -1.73
N THR B 197 17.68 26.01 -1.20
CA THR B 197 17.13 25.63 0.09
C THR B 197 18.17 24.88 0.92
N LEU B 198 19.38 25.44 1.00
CA LEU B 198 20.47 24.74 1.70
C LEU B 198 20.24 24.73 3.20
N LEU B 199 19.74 25.82 3.76
CA LEU B 199 19.57 25.94 5.21
C LEU B 199 18.16 26.30 5.65
N GLU B 200 17.36 26.95 4.80
CA GLU B 200 16.03 27.38 5.21
C GLU B 200 15.13 26.19 5.56
N VAL B 201 15.45 25.00 5.03
CA VAL B 201 14.63 23.83 5.32
C VAL B 201 14.75 23.45 6.80
N SER B 202 15.94 23.59 7.38
CA SER B 202 16.12 23.23 8.78
C SER B 202 15.32 24.15 9.70
N GLY B 203 15.45 25.46 9.51
CA GLY B 203 14.70 26.40 10.33
C GLY B 203 13.20 26.30 10.10
N PHE B 204 12.81 26.03 8.84
CA PHE B 204 11.40 25.88 8.53
C PHE B 204 10.80 24.65 9.21
N SER B 205 11.55 23.55 9.26
CA SER B 205 11.03 22.32 9.85
C SER B 205 10.90 22.42 11.36
N TYR B 206 11.85 23.07 12.03
CA TYR B 206 11.93 23.09 13.49
C TYR B 206 11.46 24.40 14.08
N PHE B 207 10.41 25.00 13.53
CA PHE B 207 9.86 26.22 14.10
C PHE B 207 9.34 25.94 15.51
N TYR B 208 9.65 26.85 16.44
CA TYR B 208 9.29 26.63 17.83
C TYR B 208 7.80 26.81 18.07
N GLY B 209 7.14 27.61 17.25
CA GLY B 209 5.71 27.84 17.41
C GLY B 209 4.88 26.63 17.04
N ALA B 210 4.90 26.26 15.76
CA ALA B 210 4.11 25.14 15.26
C ALA B 210 5.00 23.92 15.14
N PHE B 211 5.28 23.30 16.29
CA PHE B 211 6.08 22.08 16.33
C PHE B 211 5.29 20.87 16.81
N MET B 212 4.53 21.00 17.90
CA MET B 212 3.83 19.85 18.45
C MET B 212 2.51 19.61 17.73
N VAL B 213 1.57 20.55 17.82
CA VAL B 213 0.26 20.39 17.20
C VAL B 213 -0.11 21.65 16.44
N GLY B 214 0.89 22.50 16.17
CA GLY B 214 0.63 23.80 15.63
C GLY B 214 0.20 23.75 14.18
N PRO B 215 -0.04 24.92 13.60
CA PRO B 215 -0.46 24.99 12.19
C PRO B 215 0.58 24.45 11.24
N GLN B 216 0.25 24.40 9.95
CA GLN B 216 1.10 23.78 8.95
C GLN B 216 1.29 24.71 7.74
N PHE B 217 1.67 25.95 8.03
CA PHE B 217 1.89 26.98 7.03
C PHE B 217 2.82 26.53 5.91
N SER B 218 2.76 27.22 4.77
CA SER B 218 3.51 26.86 3.58
C SER B 218 4.96 27.32 3.72
N MET B 219 5.70 27.29 2.61
CA MET B 219 7.12 27.66 2.63
C MET B 219 7.35 29.12 2.26
N THR B 220 6.59 29.66 1.30
CA THR B 220 6.84 31.01 0.82
C THR B 220 6.64 32.05 1.91
N ASP B 221 5.58 31.88 2.72
CA ASP B 221 5.34 32.84 3.80
C ASP B 221 6.45 32.79 4.84
N TYR B 222 7.00 31.60 5.09
CA TYR B 222 8.13 31.50 6.00
C TYR B 222 9.34 32.26 5.47
N GLN B 223 9.60 32.14 4.16
CA GLN B 223 10.70 32.89 3.58
C GLN B 223 10.46 34.40 3.66
N LYS B 224 9.21 34.83 3.45
CA LYS B 224 8.90 36.24 3.59
C LYS B 224 9.12 36.71 5.02
N LEU B 225 8.77 35.88 6.00
CA LEU B 225 9.02 36.21 7.40
C LEU B 225 10.50 36.24 7.72
N ALA B 226 11.29 35.40 7.07
CA ALA B 226 12.69 35.22 7.45
C ALA B 226 13.48 36.53 7.32
N LYS B 227 13.32 37.23 6.21
CA LYS B 227 14.11 38.42 5.94
C LYS B 227 13.33 39.70 6.20
N GLY B 228 12.21 39.62 6.92
CA GLY B 228 11.55 40.80 7.45
C GLY B 228 10.81 41.67 6.46
N GLU B 229 9.88 41.09 5.71
CA GLU B 229 9.00 41.89 4.88
C GLU B 229 7.55 41.43 4.99
N MET B 230 7.25 40.62 6.01
CA MET B 230 5.88 40.15 6.21
C MET B 230 4.94 41.32 6.46
N THR B 231 5.36 42.29 7.26
CA THR B 231 4.57 43.48 7.56
C THR B 231 5.51 44.68 7.55
N ASP B 232 5.32 45.60 6.60
CA ASP B 232 6.18 46.78 6.56
C ASP B 232 5.87 47.71 7.72
N VAL B 233 4.65 48.24 7.79
CA VAL B 233 4.18 48.83 9.04
C VAL B 233 2.68 48.59 9.28
N PRO B 234 2.15 47.36 9.06
CA PRO B 234 0.87 47.03 9.71
C PRO B 234 1.06 46.37 11.06
N GLY B 235 2.20 45.69 11.23
CA GLY B 235 2.39 44.85 12.39
C GLY B 235 3.78 44.79 12.98
N GLN B 236 4.58 45.83 12.79
CA GLN B 236 5.87 45.89 13.47
C GLN B 236 5.64 45.96 14.97
N ARG B 237 5.04 47.04 15.44
CA ARG B 237 4.56 47.16 16.81
C ARG B 237 3.20 46.48 16.99
N PRO B 238 2.24 46.67 16.09
CA PRO B 238 0.95 45.96 16.25
C PRO B 238 1.11 44.46 16.08
N ASN B 239 0.26 43.72 16.78
CA ASN B 239 -0.66 44.31 17.74
C ASN B 239 -0.31 43.87 19.14
N SER B 240 -0.31 42.55 19.36
CA SER B 240 0.01 41.92 20.63
C SER B 240 -0.91 42.36 21.76
N PHE B 241 -1.97 43.11 21.46
CA PHE B 241 -2.89 43.59 22.48
C PHE B 241 -4.27 42.96 22.32
N VAL B 242 -4.92 43.18 21.18
CA VAL B 242 -6.28 42.67 20.96
C VAL B 242 -6.25 41.18 20.59
N PRO B 243 -5.51 40.74 19.54
CA PRO B 243 -5.66 39.34 19.10
C PRO B 243 -5.07 38.33 20.04
N ALA B 244 -3.79 38.51 20.40
CA ALA B 244 -3.07 37.49 21.15
C ALA B 244 -3.65 37.29 22.54
N LEU B 245 -3.90 38.38 23.25
CA LEU B 245 -4.46 38.28 24.60
C LEU B 245 -5.85 37.66 24.57
N LYS B 246 -6.68 38.05 23.60
CA LYS B 246 -8.01 37.47 23.49
C LYS B 246 -7.95 35.97 23.23
N ARG B 247 -7.07 35.55 22.30
CA ARG B 247 -6.94 34.13 22.01
C ARG B 247 -6.45 33.36 23.24
N LEU B 248 -5.46 33.91 23.94
CA LEU B 248 -4.96 33.25 25.15
C LEU B 248 -6.05 33.14 26.21
N SER B 249 -6.83 34.20 26.40
CA SER B 249 -7.89 34.17 27.41
C SER B 249 -8.96 33.15 27.05
N LEU B 250 -9.35 33.09 25.77
CA LEU B 250 -10.36 32.12 25.36
C LEU B 250 -9.86 30.70 25.52
N GLY B 251 -8.59 30.46 25.16
CA GLY B 251 -8.01 29.14 25.37
C GLY B 251 -7.98 28.75 26.83
N LEU B 252 -7.63 29.70 27.71
CA LEU B 252 -7.63 29.42 29.14
C LEU B 252 -9.04 29.13 29.64
N LEU B 253 -10.03 29.85 29.12
CA LEU B 253 -11.42 29.60 29.51
C LEU B 253 -11.84 28.18 29.14
N PHE B 254 -11.55 27.76 27.90
CA PHE B 254 -11.90 26.40 27.51
C PHE B 254 -11.12 25.37 28.33
N LEU B 255 -9.86 25.67 28.65
CA LEU B 255 -9.05 24.75 29.44
C LEU B 255 -9.64 24.57 30.84
N VAL B 256 -10.02 25.66 31.50
CA VAL B 256 -10.56 25.54 32.84
C VAL B 256 -11.92 24.86 32.81
N THR B 257 -12.73 25.12 31.78
CA THR B 257 -13.99 24.40 31.64
C THR B 257 -13.77 22.90 31.52
N TYR B 258 -12.83 22.50 30.66
CA TYR B 258 -12.58 21.07 30.48
C TYR B 258 -12.03 20.43 31.74
N THR B 259 -11.10 21.09 32.43
CA THR B 259 -10.53 20.48 33.62
C THR B 259 -11.51 20.49 34.79
N LEU B 260 -12.51 21.38 34.77
CA LEU B 260 -13.56 21.33 35.78
C LEU B 260 -14.55 20.21 35.48
N SER B 261 -14.83 19.97 34.21
CA SER B 261 -15.78 18.93 33.82
C SER B 261 -15.11 17.57 33.60
N SER B 262 -13.80 17.46 33.83
CA SER B 262 -13.12 16.18 33.57
C SER B 262 -13.45 15.13 34.64
N PRO B 263 -13.19 15.36 35.93
CA PRO B 263 -13.41 14.27 36.90
C PRO B 263 -14.86 13.84 37.02
N TYR B 264 -15.82 14.73 36.75
CA TYR B 264 -17.22 14.38 36.90
C TYR B 264 -17.61 13.27 35.92
N ILE B 265 -17.11 13.33 34.70
CA ILE B 265 -17.40 12.33 33.69
C ILE B 265 -16.22 11.36 33.62
N SER B 266 -16.42 10.24 32.95
CA SER B 266 -15.36 9.24 32.80
C SER B 266 -15.49 8.59 31.44
N GLU B 267 -14.38 8.00 31.00
CA GLU B 267 -14.34 7.27 29.73
C GLU B 267 -14.36 5.77 29.91
N GLU B 268 -13.68 5.25 30.94
CA GLU B 268 -13.68 3.82 31.21
C GLU B 268 -15.05 3.31 31.65
N TYR B 269 -15.98 4.21 32.01
CA TYR B 269 -17.34 3.78 32.34
C TYR B 269 -18.02 3.10 31.17
N LEU B 270 -17.59 3.39 29.95
CA LEU B 270 -18.15 2.71 28.78
C LEU B 270 -17.87 1.22 28.84
N ILE B 271 -16.65 0.84 29.22
CA ILE B 271 -16.30 -0.57 29.33
C ILE B 271 -17.00 -1.21 30.52
N SER B 272 -17.04 -0.51 31.65
CA SER B 272 -17.62 -1.07 32.86
C SER B 272 -19.12 -1.31 32.69
N ASP B 273 -19.60 -2.38 33.32
CA ASP B 273 -21.00 -2.78 33.21
C ASP B 273 -21.82 -2.41 34.44
N ASP B 274 -21.26 -1.62 35.35
CA ASP B 274 -21.97 -1.26 36.58
C ASP B 274 -23.08 -0.25 36.31
N TYR B 275 -24.32 -0.75 36.27
CA TYR B 275 -25.52 0.06 36.06
C TYR B 275 -25.44 0.87 34.77
N MET B 276 -24.90 0.25 33.72
CA MET B 276 -24.88 0.84 32.39
C MET B 276 -25.73 0.08 31.38
N GLU B 277 -25.64 -1.24 31.36
CA GLU B 277 -26.36 -2.05 30.39
C GLU B 277 -27.83 -2.25 30.75
N LYS B 278 -28.27 -1.78 31.91
CA LYS B 278 -29.66 -1.95 32.31
C LYS B 278 -30.59 -0.99 31.54
N PRO B 279 -30.34 0.32 31.51
CA PRO B 279 -31.19 1.21 30.72
C PRO B 279 -30.67 1.41 29.31
N PHE B 280 -31.57 1.84 28.43
CA PHE B 280 -31.24 2.09 27.04
C PHE B 280 -31.04 3.57 26.74
N TRP B 281 -32.04 4.39 27.03
CA TRP B 281 -31.93 5.82 26.75
C TRP B 281 -30.79 6.47 27.52
N PHE B 282 -30.42 5.91 28.67
CA PHE B 282 -29.29 6.44 29.42
C PHE B 282 -28.00 6.31 28.64
N ARG B 283 -27.82 5.20 27.92
CA ARG B 283 -26.62 5.03 27.11
C ARG B 283 -26.54 6.09 26.01
N CYS B 284 -27.66 6.32 25.32
CA CYS B 284 -27.67 7.34 24.27
C CYS B 284 -27.43 8.73 24.84
N GLY B 285 -28.04 9.03 25.99
CA GLY B 285 -27.81 10.32 26.63
C GLY B 285 -26.37 10.51 27.06
N TYR B 286 -25.76 9.45 27.58
CA TYR B 286 -24.36 9.51 27.99
C TYR B 286 -23.44 9.74 26.79
N ILE B 287 -23.70 9.02 25.68
CA ILE B 287 -22.89 9.24 24.48
C ILE B 287 -23.11 10.64 23.93
N LEU B 288 -24.33 11.16 24.04
CA LEU B 288 -24.60 12.54 23.62
C LEU B 288 -23.82 13.54 24.46
N VAL B 289 -23.84 13.37 25.78
CA VAL B 289 -23.07 14.26 26.66
C VAL B 289 -21.58 14.06 26.42
N TRP B 290 -21.15 12.81 26.27
CA TRP B 290 -19.80 12.54 25.84
C TRP B 290 -19.63 12.98 24.38
N GLY B 291 -18.42 12.87 23.87
CA GLY B 291 -18.18 13.36 22.52
C GLY B 291 -18.09 14.87 22.42
N LYS B 292 -19.01 15.59 23.04
CA LYS B 292 -18.92 17.04 23.13
C LYS B 292 -17.93 17.50 24.20
N ILE B 293 -17.44 16.59 25.03
CA ILE B 293 -16.47 16.93 26.07
C ILE B 293 -15.06 16.49 25.70
N ILE B 294 -14.93 15.37 25.00
CA ILE B 294 -13.61 14.92 24.58
C ILE B 294 -13.00 15.89 23.57
N LEU B 295 -13.83 16.45 22.68
CA LEU B 295 -13.33 17.36 21.65
C LEU B 295 -12.67 18.58 22.26
N TYR B 296 -13.20 19.09 23.38
CA TYR B 296 -12.60 20.23 24.05
C TYR B 296 -11.14 19.97 24.37
N LYS B 297 -10.78 18.71 24.66
CA LYS B 297 -9.39 18.38 24.94
C LYS B 297 -8.47 18.87 23.83
N TYR B 298 -8.90 18.71 22.57
CA TYR B 298 -8.13 19.26 21.47
C TYR B 298 -8.22 20.78 21.44
N VAL B 299 -9.44 21.32 21.57
CA VAL B 299 -9.71 22.71 21.19
C VAL B 299 -8.72 23.64 21.85
N THR B 300 -8.74 23.68 23.19
CA THR B 300 -7.86 24.54 23.96
C THR B 300 -6.45 24.54 23.38
N CYS B 301 -5.87 23.35 23.23
CA CYS B 301 -4.51 23.21 22.73
C CYS B 301 -4.31 24.07 21.49
N TRP B 302 -5.05 23.78 20.43
CA TRP B 302 -4.85 24.48 19.17
C TRP B 302 -4.94 25.99 19.39
N LEU B 303 -5.96 26.43 20.13
CA LEU B 303 -6.16 27.86 20.33
C LEU B 303 -4.91 28.51 20.91
N VAL B 304 -4.35 27.90 21.96
CA VAL B 304 -3.23 28.58 22.60
C VAL B 304 -2.05 28.64 21.63
N THR B 305 -1.87 27.60 20.80
CA THR B 305 -0.79 27.63 19.83
C THR B 305 -0.97 28.81 18.88
N GLU B 306 -2.22 29.06 18.47
CA GLU B 306 -2.50 30.18 17.59
C GLU B 306 -1.90 31.46 18.14
N GLY B 307 -2.00 31.67 19.46
CA GLY B 307 -1.49 32.91 20.04
C GLY B 307 -0.04 33.15 19.67
N VAL B 308 0.78 32.10 19.77
CA VAL B 308 2.20 32.25 19.46
C VAL B 308 2.38 32.81 18.06
N CYS B 309 1.68 32.23 17.09
CA CYS B 309 1.82 32.70 15.71
C CYS B 309 1.42 34.17 15.60
N ILE B 310 0.32 34.55 16.26
CA ILE B 310 -0.14 35.93 16.16
C ILE B 310 0.89 36.88 16.74
N LEU B 311 1.70 36.41 17.69
CA LEU B 311 2.74 37.26 18.24
C LEU B 311 3.90 37.43 17.26
N VAL B 312 4.20 36.40 16.47
CA VAL B 312 5.32 36.50 15.54
C VAL B 312 4.98 37.43 14.39
N GLY B 313 3.74 37.37 13.90
CA GLY B 313 3.34 38.09 12.71
C GLY B 313 3.10 37.22 11.50
N LEU B 314 3.17 35.90 11.64
CA LEU B 314 2.98 35.00 10.51
C LEU B 314 1.52 34.93 10.06
N GLY B 315 0.59 35.36 10.91
CA GLY B 315 -0.82 35.27 10.59
C GLY B 315 -1.37 36.37 9.73
N TYR B 316 -0.57 37.39 9.40
CA TYR B 316 -1.05 38.48 8.57
C TYR B 316 -1.30 38.00 7.14
N ASN B 317 -2.40 38.47 6.55
CA ASN B 317 -2.69 38.16 5.15
C ASN B 317 -3.25 39.36 4.39
N GLY B 318 -3.26 40.55 4.98
CA GLY B 318 -3.79 41.72 4.30
C GLY B 318 -4.82 42.45 5.14
N ASN B 319 -5.70 43.21 4.47
CA ASN B 319 -6.76 43.94 5.14
C ASN B 319 -8.05 43.83 4.34
N ASP B 320 -9.17 44.06 5.02
CA ASP B 320 -10.47 43.95 4.39
C ASP B 320 -10.79 45.23 3.63
N GLN B 321 -12.05 45.36 3.19
CA GLN B 321 -12.46 46.56 2.47
C GLN B 321 -12.41 47.79 3.37
N ASN B 322 -12.72 47.61 4.66
CA ASN B 322 -12.68 48.71 5.61
C ASN B 322 -11.26 49.19 5.92
N GLY B 323 -10.24 48.43 5.52
CA GLY B 323 -8.86 48.81 5.73
C GLY B 323 -8.25 48.27 7.01
N LYS B 324 -9.03 47.71 7.92
CA LYS B 324 -8.49 47.15 9.14
C LYS B 324 -7.79 45.82 8.84
N PRO B 325 -6.55 45.64 9.28
CA PRO B 325 -5.87 44.35 9.03
C PRO B 325 -6.60 43.21 9.71
N VAL B 326 -6.55 42.05 9.07
CA VAL B 326 -7.21 40.84 9.55
C VAL B 326 -6.14 39.77 9.78
N TRP B 327 -6.24 39.08 10.91
CA TRP B 327 -5.27 38.05 11.29
C TRP B 327 -5.87 36.65 11.25
N ASP B 328 -7.08 36.49 10.71
CA ASP B 328 -7.74 35.18 10.66
C ASP B 328 -7.30 34.41 9.41
N ALA B 329 -5.99 34.22 9.29
CA ALA B 329 -5.40 33.47 8.20
C ALA B 329 -4.72 32.19 8.65
N CYS B 330 -4.06 32.21 9.81
CA CYS B 330 -3.42 31.04 10.38
C CYS B 330 -4.31 30.34 11.39
N ALA B 331 -5.54 30.83 11.59
CA ALA B 331 -6.43 30.29 12.61
C ALA B 331 -6.78 28.84 12.31
N ASN B 332 -6.93 28.06 13.38
CA ASN B 332 -7.27 26.64 13.26
C ASN B 332 -8.70 26.33 13.69
N MET B 333 -9.40 27.28 14.33
CA MET B 333 -10.79 27.08 14.69
C MET B 333 -11.55 28.41 14.54
N LYS B 334 -12.86 28.28 14.37
CA LYS B 334 -13.76 29.43 14.29
C LYS B 334 -14.34 29.72 15.66
N VAL B 335 -14.55 31.01 15.94
CA VAL B 335 -14.99 31.42 17.26
C VAL B 335 -16.39 30.92 17.57
N TRP B 336 -17.31 31.04 16.61
CA TRP B 336 -18.74 30.84 16.87
C TRP B 336 -19.36 29.76 16.01
N LEU B 337 -18.99 29.67 14.74
CA LEU B 337 -19.65 28.75 13.81
C LEU B 337 -19.46 27.29 14.18
N TYR B 338 -18.43 26.98 14.98
CA TYR B 338 -18.14 25.58 15.29
C TYR B 338 -19.27 24.93 16.07
N GLU B 339 -19.84 25.64 17.05
CA GLU B 339 -20.81 25.05 17.96
C GLU B 339 -22.22 25.56 17.73
N THR B 340 -22.49 26.25 16.63
CA THR B 340 -23.82 26.77 16.33
C THR B 340 -24.15 26.51 14.86
N THR B 341 -23.95 25.27 14.43
CA THR B 341 -24.29 24.86 13.08
C THR B 341 -25.02 23.52 13.12
N PRO B 342 -26.22 23.43 12.54
CA PRO B 342 -26.95 22.17 12.54
C PRO B 342 -26.51 21.22 11.44
N LEU B 343 -26.04 21.79 10.34
CA LEU B 343 -25.67 20.97 9.18
C LEU B 343 -24.42 20.14 9.47
N PHE B 344 -24.42 18.91 8.97
CA PHE B 344 -23.25 18.05 9.13
C PHE B 344 -22.05 18.62 8.40
N THR B 345 -22.26 19.13 7.19
CA THR B 345 -21.17 19.69 6.40
C THR B 345 -20.68 21.04 6.91
N GLY B 346 -21.39 21.65 7.86
CA GLY B 346 -20.98 22.90 8.45
C GLY B 346 -19.94 22.79 9.53
N THR B 347 -19.51 21.58 9.86
CA THR B 347 -18.48 21.35 10.87
C THR B 347 -17.11 21.04 10.27
N ILE B 348 -17.06 20.23 9.21
CA ILE B 348 -15.80 19.91 8.57
C ILE B 348 -15.14 21.14 7.96
N ALA B 349 -15.91 22.21 7.75
CA ALA B 349 -15.37 23.48 7.30
C ALA B 349 -15.10 24.44 8.44
N SER B 350 -15.30 24.02 9.70
CA SER B 350 -15.07 24.89 10.84
C SER B 350 -14.40 24.21 12.02
N PHE B 351 -14.02 22.94 11.93
CA PHE B 351 -13.37 22.29 13.06
C PHE B 351 -11.87 22.55 13.07
N ASN B 352 -11.17 22.15 12.02
CA ASN B 352 -9.75 22.49 11.85
C ASN B 352 -9.51 22.89 10.40
N ILE B 353 -9.26 24.17 10.18
CA ILE B 353 -9.15 24.70 8.83
C ILE B 353 -7.89 24.21 8.14
N ASN B 354 -6.76 24.18 8.87
CA ASN B 354 -5.47 23.99 8.22
C ASN B 354 -5.33 22.58 7.64
N THR B 355 -5.61 21.55 8.42
CA THR B 355 -5.43 20.19 7.93
C THR B 355 -6.42 19.86 6.82
N ASN B 356 -7.68 20.27 6.98
CA ASN B 356 -8.67 20.02 5.94
C ASN B 356 -8.32 20.74 4.65
N ALA B 357 -7.88 22.00 4.76
CA ALA B 357 -7.47 22.75 3.58
C ALA B 357 -6.25 22.11 2.91
N TRP B 358 -5.30 21.64 3.71
CA TRP B 358 -4.13 20.98 3.15
C TRP B 358 -4.52 19.71 2.40
N VAL B 359 -5.40 18.90 2.98
CA VAL B 359 -5.86 17.68 2.32
C VAL B 359 -6.59 18.00 1.03
N ALA B 360 -7.45 19.02 1.06
CA ALA B 360 -8.17 19.41 -0.15
C ALA B 360 -7.21 19.91 -1.22
N ARG B 361 -6.17 20.64 -0.82
CA ARG B 361 -5.27 21.24 -1.79
C ARG B 361 -4.31 20.22 -2.41
N TYR B 362 -3.84 19.26 -1.63
CA TYR B 362 -2.77 18.38 -2.09
C TYR B 362 -3.24 16.95 -2.39
N VAL B 363 -4.55 16.71 -2.42
CA VAL B 363 -5.04 15.40 -2.84
C VAL B 363 -6.07 15.56 -3.95
N PHE B 364 -7.14 16.32 -3.70
CA PHE B 364 -8.17 16.51 -4.72
C PHE B 364 -7.61 17.22 -5.95
N LYS B 365 -6.90 18.33 -5.75
CA LYS B 365 -6.36 19.08 -6.87
C LYS B 365 -5.24 18.34 -7.58
N ARG B 366 -4.72 17.25 -7.01
CA ARG B 366 -3.63 16.49 -7.61
C ARG B 366 -4.06 15.10 -8.08
N LEU B 367 -5.34 14.75 -7.96
CA LEU B 367 -5.83 13.43 -8.32
C LEU B 367 -7.11 13.55 -9.13
N LYS B 368 -7.07 14.41 -10.14
CA LYS B 368 -8.22 14.64 -11.02
C LYS B 368 -8.20 13.76 -12.26
N PHE B 369 -7.22 12.87 -12.42
CA PHE B 369 -7.13 12.02 -13.58
C PHE B 369 -7.89 10.70 -13.42
N LEU B 370 -8.58 10.50 -12.30
CA LEU B 370 -9.52 9.41 -12.14
C LEU B 370 -10.93 9.97 -12.30
N GLY B 371 -11.70 9.38 -13.23
CA GLY B 371 -12.99 9.93 -13.57
C GLY B 371 -14.11 9.55 -12.61
N ASN B 372 -13.90 9.77 -11.32
CA ASN B 372 -14.93 9.50 -10.32
C ASN B 372 -14.59 10.26 -9.06
N LYS B 373 -15.46 11.20 -8.67
CA LYS B 373 -15.20 12.00 -7.47
C LYS B 373 -15.20 11.14 -6.21
N LEU B 374 -16.10 10.15 -6.15
CA LEU B 374 -16.19 9.31 -4.97
C LEU B 374 -14.88 8.57 -4.71
N LEU B 375 -14.22 8.11 -5.78
CA LEU B 375 -12.95 7.41 -5.61
C LEU B 375 -11.89 8.35 -5.04
N SER B 376 -11.84 9.60 -5.51
CA SER B 376 -10.90 10.56 -4.97
C SER B 376 -11.17 10.84 -3.50
N GLN B 377 -12.45 11.01 -3.14
CA GLN B 377 -12.80 11.26 -1.74
C GLN B 377 -12.43 10.07 -0.86
N ALA B 378 -12.70 8.86 -1.34
CA ALA B 378 -12.35 7.67 -0.58
C ALA B 378 -10.84 7.56 -0.39
N LEU B 379 -10.07 7.86 -1.44
CA LEU B 379 -8.62 7.81 -1.32
C LEU B 379 -8.11 8.86 -0.32
N ALA B 380 -8.68 10.07 -0.37
CA ALA B 380 -8.27 11.10 0.58
C ALA B 380 -8.56 10.68 2.02
N LEU B 381 -9.76 10.13 2.25
CA LEU B 381 -10.11 9.71 3.61
C LEU B 381 -9.26 8.53 4.06
N PHE B 382 -8.95 7.61 3.16
CA PHE B 382 -8.09 6.49 3.52
C PHE B 382 -6.68 6.97 3.87
N PHE B 383 -6.15 7.94 3.12
CA PHE B 383 -4.85 8.49 3.44
C PHE B 383 -4.88 9.18 4.81
N LEU B 384 -5.95 9.94 5.07
CA LEU B 384 -6.07 10.60 6.37
C LEU B 384 -6.19 9.59 7.50
N ALA B 385 -6.80 8.43 7.24
CA ALA B 385 -6.87 7.39 8.26
C ALA B 385 -5.50 6.76 8.51
N ILE B 386 -4.79 6.43 7.44
CA ILE B 386 -3.44 5.87 7.57
C ILE B 386 -2.48 6.87 8.20
N TRP B 387 -2.79 8.15 8.11
CA TRP B 387 -1.93 9.19 8.69
C TRP B 387 -1.66 8.93 10.17
N HIS B 388 -2.71 8.63 10.94
CA HIS B 388 -2.56 8.35 12.37
C HIS B 388 -3.45 7.18 12.79
N GLY B 389 -3.43 6.11 12.01
CA GLY B 389 -4.28 4.96 12.28
C GLY B 389 -3.51 3.80 12.87
N LEU B 390 -3.91 3.38 14.07
CA LEU B 390 -3.19 2.30 14.74
C LEU B 390 -3.66 0.92 14.27
N HIS B 391 -4.88 0.52 14.66
CA HIS B 391 -5.38 -0.81 14.29
C HIS B 391 -6.68 -0.77 13.51
N SER B 392 -7.79 -0.34 14.11
CA SER B 392 -9.07 -0.41 13.42
C SER B 392 -10.00 0.77 13.65
N GLY B 393 -9.88 1.51 14.76
CA GLY B 393 -10.88 2.50 15.08
C GLY B 393 -10.93 3.63 14.06
N TYR B 394 -9.76 4.06 13.58
CA TYR B 394 -9.71 5.18 12.66
C TYR B 394 -10.35 4.83 11.32
N LEU B 395 -10.15 3.60 10.84
CA LEU B 395 -10.73 3.20 9.56
C LEU B 395 -12.25 3.24 9.61
N VAL B 396 -12.84 2.62 10.64
CA VAL B 396 -14.29 2.59 10.74
C VAL B 396 -14.84 3.99 10.99
N CYS B 397 -14.12 4.80 11.79
CA CYS B 397 -14.56 6.16 12.05
C CYS B 397 -14.63 6.97 10.76
N PHE B 398 -13.59 6.88 9.93
CA PHE B 398 -13.57 7.68 8.71
C PHE B 398 -14.53 7.15 7.66
N GLN B 399 -14.70 5.82 7.57
CA GLN B 399 -15.74 5.27 6.72
C GLN B 399 -17.11 5.79 7.12
N MET B 400 -17.38 5.80 8.43
CA MET B 400 -18.67 6.29 8.90
C MET B 400 -18.83 7.76 8.53
N GLU B 401 -17.77 8.55 8.72
CA GLU B 401 -17.79 9.97 8.38
C GLU B 401 -18.13 10.17 6.90
N LEU B 402 -17.50 9.39 6.02
CA LEU B 402 -17.83 9.45 4.61
C LEU B 402 -19.32 9.17 4.39
N LEU B 403 -19.85 8.20 5.14
CA LEU B 403 -21.26 7.88 4.99
C LEU B 403 -22.15 9.06 5.38
N ILE B 404 -21.86 9.71 6.51
CA ILE B 404 -22.65 10.88 6.89
C ILE B 404 -22.56 11.97 5.84
N VAL B 405 -21.35 12.25 5.33
CA VAL B 405 -21.24 13.38 4.40
C VAL B 405 -22.01 13.08 3.12
N ILE B 406 -21.96 11.84 2.63
CA ILE B 406 -22.72 11.48 1.43
C ILE B 406 -24.22 11.60 1.68
N VAL B 407 -24.68 11.07 2.82
CA VAL B 407 -26.11 11.10 3.12
C VAL B 407 -26.60 12.54 3.27
N GLU B 408 -25.81 13.38 3.94
CA GLU B 408 -26.20 14.78 4.13
C GLU B 408 -26.25 15.51 2.81
N ARG B 409 -25.29 15.27 1.92
CA ARG B 409 -25.34 15.90 0.61
C ARG B 409 -26.56 15.46 -0.18
N GLN B 410 -26.90 14.17 -0.14
CA GLN B 410 -28.09 13.70 -0.84
C GLN B 410 -29.34 14.36 -0.29
N VAL B 411 -29.46 14.43 1.04
CA VAL B 411 -30.66 14.99 1.67
C VAL B 411 -30.78 16.47 1.35
N ILE B 412 -29.69 17.22 1.44
CA ILE B 412 -29.76 18.66 1.17
C ILE B 412 -30.01 18.92 -0.31
N ASN B 413 -29.55 18.01 -1.19
CA ASN B 413 -29.87 18.15 -2.60
C ASN B 413 -31.36 17.95 -2.83
N LEU B 414 -31.94 16.91 -2.21
CA LEU B 414 -33.35 16.60 -2.45
C LEU B 414 -34.25 17.73 -1.98
N VAL B 415 -33.98 18.30 -0.80
CA VAL B 415 -34.82 19.37 -0.27
C VAL B 415 -34.66 20.62 -1.12
N ARG B 416 -35.73 21.41 -1.20
CA ARG B 416 -35.80 22.61 -2.03
C ARG B 416 -35.62 22.30 -3.52
N ASP B 417 -35.82 21.05 -3.92
CA ASP B 417 -35.68 20.64 -5.31
C ASP B 417 -36.83 19.70 -5.66
N SER B 418 -38.02 19.99 -5.15
CA SER B 418 -39.20 19.19 -5.42
C SER B 418 -40.38 20.09 -5.72
N PRO B 419 -41.24 19.71 -6.66
CA PRO B 419 -42.44 20.53 -6.94
C PRO B 419 -43.37 20.68 -5.75
N THR B 420 -43.47 19.66 -4.90
CA THR B 420 -44.41 19.66 -3.79
C THR B 420 -43.76 19.89 -2.43
N LEU B 421 -42.58 19.30 -2.20
CA LEU B 421 -41.92 19.45 -0.91
C LEU B 421 -41.44 20.87 -0.67
N SER B 422 -41.28 21.66 -1.73
CA SER B 422 -40.83 23.04 -1.56
C SER B 422 -41.84 23.85 -0.75
N THR B 423 -43.13 23.67 -1.02
CA THR B 423 -44.16 24.39 -0.27
C THR B 423 -44.15 23.97 1.20
N LEU B 424 -43.98 22.68 1.47
CA LEU B 424 -43.92 22.22 2.86
C LEU B 424 -42.72 22.80 3.57
N ALA B 425 -41.57 22.84 2.90
CA ALA B 425 -40.36 23.42 3.49
C ALA B 425 -40.41 24.95 3.54
N SER B 426 -41.31 25.57 2.79
CA SER B 426 -41.43 27.02 2.79
C SER B 426 -42.19 27.55 4.00
N ILE B 427 -42.76 26.67 4.83
CA ILE B 427 -43.47 27.09 6.03
C ILE B 427 -42.45 27.74 6.96
N THR B 428 -42.60 29.04 7.20
CA THR B 428 -41.65 29.80 7.99
C THR B 428 -42.27 30.52 9.18
N ALA B 429 -43.59 30.43 9.36
CA ALA B 429 -44.22 31.04 10.52
C ALA B 429 -43.71 30.41 11.81
N LEU B 430 -43.63 29.09 11.84
CA LEU B 430 -43.03 28.36 12.95
C LEU B 430 -42.13 27.27 12.38
N GLN B 431 -40.97 27.07 12.99
CA GLN B 431 -39.96 26.16 12.49
C GLN B 431 -39.49 25.21 13.60
N PRO B 432 -40.37 24.30 14.05
CA PRO B 432 -39.93 23.30 15.03
C PRO B 432 -38.82 22.41 14.50
N ILE B 433 -38.81 22.10 13.21
CA ILE B 433 -37.74 21.29 12.63
C ILE B 433 -36.42 22.03 12.72
N PHE B 434 -36.41 23.31 12.35
CA PHE B 434 -35.21 24.12 12.45
C PHE B 434 -34.80 24.39 13.89
N TYR B 435 -35.67 24.08 14.85
CA TYR B 435 -35.36 24.22 16.26
C TYR B 435 -34.53 23.04 16.76
N VAL B 436 -34.46 22.86 18.08
CA VAL B 436 -33.64 21.86 18.74
C VAL B 436 -33.88 20.47 18.16
N LEU B 437 -34.99 20.30 17.43
CA LEU B 437 -35.27 18.99 16.82
C LEU B 437 -34.18 18.61 15.82
N GLN B 438 -33.76 19.55 14.98
CA GLN B 438 -32.69 19.25 14.02
C GLN B 438 -31.39 18.95 14.75
N GLN B 439 -31.07 19.75 15.76
CA GLN B 439 -29.88 19.51 16.57
C GLN B 439 -30.22 18.40 17.57
N THR B 440 -29.31 18.13 18.52
CA THR B 440 -29.38 16.98 19.41
C THR B 440 -29.43 15.66 18.65
N ASN B 441 -29.24 15.71 17.34
CA ASN B 441 -29.06 14.56 16.47
C ASN B 441 -27.72 14.60 15.75
N HIS B 442 -27.21 15.80 15.45
CA HIS B 442 -25.86 15.94 14.93
C HIS B 442 -24.83 15.56 15.98
N TRP B 443 -25.01 16.03 17.21
CA TRP B 443 -24.09 15.68 18.29
C TRP B 443 -24.14 14.18 18.58
N MET B 444 -25.32 13.58 18.51
CA MET B 444 -25.44 12.16 18.83
C MET B 444 -24.69 11.30 17.82
N PHE B 445 -24.85 11.57 16.53
CA PHE B 445 -24.08 10.85 15.53
C PHE B 445 -22.60 11.20 15.60
N MET B 446 -22.27 12.43 16.00
CA MET B 446 -20.86 12.78 16.20
C MET B 446 -20.23 11.90 17.26
N GLY B 447 -20.90 11.73 18.39
CA GLY B 447 -20.39 10.83 19.42
C GLY B 447 -20.39 9.39 18.97
N TYR B 448 -21.41 8.99 18.21
CA TYR B 448 -21.51 7.62 17.72
C TYR B 448 -20.33 7.28 16.82
N SER B 449 -19.90 8.22 15.98
CA SER B 449 -18.74 7.99 15.12
C SER B 449 -17.43 8.32 15.81
N LEU B 450 -17.47 9.01 16.95
CA LEU B 450 -16.26 9.32 17.70
C LEU B 450 -15.89 8.25 18.71
N VAL B 451 -16.83 7.38 19.08
CA VAL B 451 -16.51 6.29 20.00
C VAL B 451 -15.34 5.43 19.52
N PRO B 452 -15.29 4.97 18.26
CA PRO B 452 -14.13 4.18 17.83
C PRO B 452 -12.83 4.96 17.80
N PHE B 453 -12.86 6.29 17.85
CA PHE B 453 -11.63 7.07 17.82
C PHE B 453 -10.88 6.96 19.14
N CYS B 454 -11.59 6.96 20.27
CA CYS B 454 -10.95 6.89 21.57
C CYS B 454 -10.75 5.46 22.07
N LEU B 455 -11.27 4.46 21.36
CA LEU B 455 -11.10 3.06 21.72
C LEU B 455 -10.81 2.30 20.42
N PHE B 456 -9.51 2.18 20.09
CA PHE B 456 -9.09 1.64 18.80
C PHE B 456 -8.62 0.20 18.89
N THR B 457 -9.22 -0.60 19.78
CA THR B 457 -8.97 -2.03 19.87
C THR B 457 -10.28 -2.75 19.60
N TRP B 458 -10.25 -3.75 18.71
CA TRP B 458 -11.49 -4.33 18.20
C TRP B 458 -12.33 -4.91 19.33
N ASP B 459 -11.71 -5.44 20.37
CA ASP B 459 -12.47 -6.04 21.46
C ASP B 459 -13.29 -5.00 22.21
N LYS B 460 -12.62 -3.99 22.78
CA LYS B 460 -13.34 -2.95 23.51
C LYS B 460 -14.29 -2.19 22.59
N TRP B 461 -13.83 -1.85 21.40
CA TRP B 461 -14.66 -1.18 20.41
C TRP B 461 -15.96 -1.92 20.19
N MET B 462 -15.89 -3.19 19.80
CA MET B 462 -17.10 -3.95 19.49
C MET B 462 -17.95 -4.16 20.73
N LYS B 463 -17.33 -4.41 21.89
CA LYS B 463 -18.10 -4.67 23.10
C LYS B 463 -18.90 -3.45 23.51
N VAL B 464 -18.33 -2.25 23.37
CA VAL B 464 -19.08 -1.05 23.72
C VAL B 464 -19.99 -0.59 22.59
N TYR B 465 -19.75 -1.06 21.37
CA TYR B 465 -20.50 -0.56 20.21
C TYR B 465 -21.71 -1.43 19.89
N LYS B 466 -21.69 -2.70 20.29
CA LYS B 466 -22.82 -3.58 20.02
C LYS B 466 -24.02 -3.29 20.92
N SER B 467 -23.77 -2.79 22.13
CA SER B 467 -24.85 -2.57 23.09
C SER B 467 -25.81 -1.48 22.63
N ILE B 468 -25.44 -0.67 21.65
CA ILE B 468 -26.31 0.41 21.17
C ILE B 468 -27.05 -0.09 19.93
N TYR B 469 -26.91 -1.39 19.65
CA TYR B 469 -27.64 -2.09 18.60
C TYR B 469 -27.28 -1.61 17.20
N PHE B 470 -26.05 -1.10 17.02
CA PHE B 470 -25.58 -0.67 15.70
C PHE B 470 -26.53 0.33 15.06
N LEU B 471 -27.01 1.28 15.86
CA LEU B 471 -28.12 2.13 15.45
C LEU B 471 -27.77 2.97 14.23
N GLY B 472 -26.60 3.60 14.25
CA GLY B 472 -26.26 4.55 13.19
C GLY B 472 -26.15 3.91 11.82
N HIS B 473 -25.43 2.79 11.75
CA HIS B 473 -25.25 2.12 10.46
C HIS B 473 -26.59 1.64 9.89
N VAL B 474 -27.43 1.01 10.71
CA VAL B 474 -28.70 0.51 10.18
C VAL B 474 -29.61 1.67 9.78
N LEU B 475 -29.67 2.72 10.60
CA LEU B 475 -30.54 3.84 10.29
C LEU B 475 -30.12 4.52 9.00
N PHE B 476 -28.82 4.77 8.83
CA PHE B 476 -28.36 5.42 7.61
C PHE B 476 -28.43 4.50 6.39
N PHE B 477 -28.24 3.19 6.57
CA PHE B 477 -28.44 2.29 5.43
C PHE B 477 -29.89 2.32 4.98
N THR B 478 -30.83 2.28 5.93
CA THR B 478 -32.24 2.38 5.57
C THR B 478 -32.54 3.70 4.87
N LEU B 479 -32.02 4.81 5.39
CA LEU B 479 -32.28 6.11 4.79
C LEU B 479 -31.67 6.18 3.38
N LEU B 480 -30.45 5.66 3.22
CA LEU B 480 -29.77 5.71 1.94
C LEU B 480 -30.49 4.86 0.89
N LEU B 481 -31.09 3.76 1.31
CA LEU B 481 -31.86 2.95 0.37
C LEU B 481 -33.29 3.44 0.18
N VAL B 482 -33.79 4.32 1.05
CA VAL B 482 -35.15 4.82 0.89
C VAL B 482 -35.21 6.10 0.06
N LEU B 483 -34.31 7.05 0.30
CA LEU B 483 -34.36 8.35 -0.40
C LEU B 483 -34.39 8.27 -1.92
N PRO B 484 -33.62 7.41 -2.60
CA PRO B 484 -33.71 7.39 -4.07
C PRO B 484 -35.11 7.10 -4.59
N TYR B 485 -35.83 6.17 -3.95
CA TYR B 485 -37.16 5.81 -4.44
C TYR B 485 -38.17 6.94 -4.24
N ILE B 486 -38.19 7.56 -3.07
CA ILE B 486 -39.12 8.66 -2.85
C ILE B 486 -38.71 9.89 -3.66
N ARG B 487 -37.42 10.06 -3.92
CA ARG B 487 -36.98 11.14 -4.80
C ARG B 487 -37.50 10.94 -6.21
N LYS B 488 -37.44 9.71 -6.72
CA LYS B 488 -38.02 9.42 -8.02
C LYS B 488 -39.54 9.56 -7.99
N LEU B 489 -40.17 9.22 -6.86
CA LEU B 489 -41.62 9.40 -6.73
C LEU B 489 -42.00 10.87 -6.81
N LEU B 490 -41.24 11.74 -6.15
CA LEU B 490 -41.54 13.16 -6.14
C LEU B 490 -40.27 14.00 -6.18
#